data_5LM5
#
_entry.id   5LM5
#
_cell.length_a   98.280
_cell.length_b   115.960
_cell.length_c   122.010
_cell.angle_alpha   90.000
_cell.angle_beta   90.000
_cell.angle_gamma   90.000
#
_symmetry.space_group_name_H-M   'I 2 2 2'
#
loop_
_entity.id
_entity.type
_entity.pdbx_description
1 polymer 'DNA topoisomerase 2-associated protein PAT1'
2 polymer 'mRNA decapping protein 2'
#
loop_
_entity_poly.entity_id
_entity_poly.type
_entity_poly.pdbx_seq_one_letter_code
_entity_poly.pdbx_strand_id
1 'polypeptide(L)'
;MHHHHHHSSGSSSTGSSAAAVASKQRRRSSYAFNNGNGATNLNKSGGKKFILELIETVYEEILDLEANLRNGQQTDSTAM
WEALHIDDSSYDVNPFISMLSFDKGIKIMPRIFNFLDKQQKLKILQKIFNELSHLQIIILSSYKTTPKPTLTQLKKVDLF
QMIILKIIVSFLSNNSNFIEIMGLLLQLIRNNNVSFLTTSKIGLNLITILISRAALIKQDSSRSNILSSPEISTWNEIYD
KLFTSLESKIQLIFPPREYNDHIMRLQNDKFMDEAYIWAFLASLAASGKLNHQRIIIDEVRDEIFATINEAETLQKKEKE
LSVLPQRSQELDTELKSIIYNKEKLYQDLNLFLNVMGLVYRDGEISELK
;
A,B
2 'polypeptide(L)' SSSPGQLLDILNSK C,D
#
# COMPACT_ATOMS: atom_id res chain seq x y z
N ASN A 41 1.15 6.14 26.02
CA ASN A 41 2.06 5.35 26.85
C ASN A 41 1.65 3.89 26.92
N LEU A 42 2.65 2.97 26.95
CA LEU A 42 2.46 1.52 27.04
C LEU A 42 1.93 1.10 28.41
N ASN A 43 2.27 1.87 29.45
CA ASN A 43 1.87 1.62 30.84
C ASN A 43 0.38 1.91 31.06
N LYS A 44 -0.21 2.76 30.18
CA LYS A 44 -1.63 3.11 30.18
C LYS A 44 -2.51 1.97 29.63
N SER A 45 -1.89 0.82 29.27
CA SER A 45 -2.54 -0.38 28.74
C SER A 45 -2.14 -1.68 29.45
N GLY A 46 -1.20 -1.58 30.39
CA GLY A 46 -0.74 -2.73 31.17
C GLY A 46 0.76 -2.99 31.17
N GLY A 47 1.51 -2.22 30.37
CA GLY A 47 2.96 -2.36 30.26
C GLY A 47 3.41 -3.15 29.05
N LYS A 48 4.72 -3.01 28.72
CA LYS A 48 5.38 -3.65 27.58
C LYS A 48 5.31 -5.18 27.62
N LYS A 49 5.64 -5.81 28.79
CA LYS A 49 5.65 -7.26 28.97
C LYS A 49 4.25 -7.88 28.82
N PHE A 50 3.21 -7.14 29.24
CA PHE A 50 1.82 -7.59 29.16
C PHE A 50 1.32 -7.58 27.70
N ILE A 51 1.60 -6.49 26.96
CA ILE A 51 1.21 -6.33 25.54
C ILE A 51 1.95 -7.35 24.65
N LEU A 52 3.29 -7.54 24.89
CA LEU A 52 4.09 -8.50 24.14
C LEU A 52 3.59 -9.93 24.38
N GLU A 53 3.06 -10.21 25.60
CA GLU A 53 2.46 -11.49 25.99
C GLU A 53 1.15 -11.68 25.21
N LEU A 54 0.35 -10.60 25.10
CA LEU A 54 -0.92 -10.62 24.37
C LEU A 54 -0.71 -10.92 22.88
N ILE A 55 0.35 -10.32 22.27
CA ILE A 55 0.71 -10.53 20.86
C ILE A 55 1.05 -11.99 20.62
N GLU A 56 1.87 -12.61 21.51
CA GLU A 56 2.27 -14.03 21.45
C GLU A 56 1.05 -14.94 21.51
N THR A 57 0.06 -14.62 22.38
CA THR A 57 -1.21 -15.34 22.53
C THR A 57 -2.01 -15.22 21.22
N VAL A 58 -2.11 -14.00 20.64
CA VAL A 58 -2.81 -13.73 19.37
C VAL A 58 -2.22 -14.60 18.23
N TYR A 59 -0.87 -14.65 18.13
CA TYR A 59 -0.14 -15.47 17.15
C TYR A 59 -0.45 -16.95 17.31
N GLU A 60 -0.44 -17.45 18.58
CA GLU A 60 -0.75 -18.85 18.88
C GLU A 60 -2.15 -19.21 18.40
N GLU A 61 -3.15 -18.33 18.68
CA GLU A 61 -4.53 -18.54 18.27
C GLU A 61 -4.72 -18.48 16.75
N ILE A 62 -3.99 -17.59 16.05
CA ILE A 62 -4.04 -17.50 14.58
C ILE A 62 -3.43 -18.74 13.96
N LEU A 63 -2.25 -19.17 14.46
CA LEU A 63 -1.58 -20.39 14.00
C LEU A 63 -2.48 -21.63 14.14
N ASP A 64 -3.27 -21.72 15.24
CA ASP A 64 -4.23 -22.80 15.47
C ASP A 64 -5.38 -22.74 14.46
N LEU A 65 -5.94 -21.54 14.23
CA LEU A 65 -7.03 -21.35 13.26
C LEU A 65 -6.56 -21.68 11.85
N GLU A 66 -5.34 -21.23 11.48
CA GLU A 66 -4.72 -21.46 10.17
C GLU A 66 -4.45 -22.92 9.94
N ALA A 67 -3.96 -23.66 10.98
CA ALA A 67 -3.69 -25.10 10.91
C ALA A 67 -5.00 -25.90 10.72
N ASN A 68 -6.05 -25.58 11.51
CA ASN A 68 -7.36 -26.21 11.42
C ASN A 68 -7.97 -26.04 10.03
N LEU A 69 -7.99 -24.79 9.52
CA LEU A 69 -8.51 -24.44 8.20
C LEU A 69 -7.76 -25.19 7.08
N ARG A 70 -6.42 -25.22 7.16
CA ARG A 70 -5.51 -25.88 6.21
C ARG A 70 -5.79 -27.40 6.15
N ASN A 71 -6.03 -28.02 7.32
CA ASN A 71 -6.33 -29.44 7.43
C ASN A 71 -7.80 -29.75 7.10
N GLY A 72 -8.57 -28.72 6.71
CA GLY A 72 -9.97 -28.83 6.35
C GLY A 72 -10.86 -29.23 7.51
N GLN A 73 -10.56 -28.70 8.71
CA GLN A 73 -11.29 -28.97 9.95
C GLN A 73 -12.07 -27.75 10.40
N GLN A 74 -13.04 -27.95 11.33
CA GLN A 74 -13.88 -26.90 11.89
C GLN A 74 -13.04 -25.83 12.61
N THR A 75 -13.42 -24.56 12.47
CA THR A 75 -12.72 -23.44 13.12
C THR A 75 -13.64 -22.67 14.04
N ASP A 76 -13.13 -22.29 15.21
CA ASP A 76 -13.83 -21.49 16.21
C ASP A 76 -12.90 -20.37 16.61
N SER A 77 -13.23 -19.14 16.18
CA SER A 77 -12.45 -17.93 16.40
C SER A 77 -12.74 -17.18 17.72
N THR A 78 -13.51 -17.79 18.65
CA THR A 78 -13.86 -17.19 19.95
C THR A 78 -12.62 -16.87 20.80
N ALA A 79 -11.71 -17.84 20.97
CA ALA A 79 -10.47 -17.69 21.75
C ALA A 79 -9.57 -16.59 21.19
N MET A 80 -9.46 -16.50 19.84
CA MET A 80 -8.67 -15.48 19.15
C MET A 80 -9.29 -14.09 19.37
N TRP A 81 -10.62 -13.95 19.16
CA TRP A 81 -11.36 -12.70 19.35
C TRP A 81 -11.19 -12.20 20.80
N GLU A 82 -11.34 -13.09 21.79
CA GLU A 82 -11.17 -12.78 23.21
C GLU A 82 -9.75 -12.35 23.56
N ALA A 83 -8.73 -12.94 22.89
CA ALA A 83 -7.31 -12.62 23.08
C ALA A 83 -6.93 -11.22 22.56
N LEU A 84 -7.84 -10.56 21.80
CA LEU A 84 -7.63 -9.22 21.22
C LEU A 84 -7.98 -8.06 22.18
N HIS A 85 -8.84 -8.33 23.19
CA HIS A 85 -9.28 -7.37 24.22
C HIS A 85 -9.94 -6.08 23.65
N ILE A 86 -10.78 -6.21 22.60
CA ILE A 86 -11.47 -5.05 21.99
C ILE A 86 -12.56 -4.50 22.92
N ASP A 87 -13.38 -5.39 23.52
CA ASP A 87 -14.46 -4.99 24.44
C ASP A 87 -13.96 -4.68 25.87
N ASP A 88 -12.63 -4.83 26.10
CA ASP A 88 -11.98 -4.55 27.37
C ASP A 88 -11.73 -3.04 27.54
N SER A 89 -12.46 -2.37 28.44
CA SER A 89 -12.17 -0.95 28.62
C SER A 89 -11.54 -0.69 30.00
N SER A 90 -10.92 -1.75 30.57
CA SER A 90 -10.21 -1.79 31.86
C SER A 90 -9.02 -0.85 31.99
N TYR A 91 -8.42 -0.44 30.86
CA TYR A 91 -7.24 0.41 30.81
C TYR A 91 -7.52 1.77 30.15
N ASP A 92 -6.67 2.79 30.45
CA ASP A 92 -6.77 4.14 29.87
C ASP A 92 -6.66 4.09 28.34
N VAL A 93 -5.77 3.19 27.82
CA VAL A 93 -5.54 2.90 26.40
C VAL A 93 -5.83 1.40 26.21
N ASN A 94 -6.81 1.07 25.34
CA ASN A 94 -7.23 -0.31 25.06
C ASN A 94 -6.05 -1.23 24.67
N PRO A 95 -5.94 -2.46 25.23
CA PRO A 95 -4.81 -3.35 24.88
C PRO A 95 -4.61 -3.62 23.39
N PHE A 96 -5.69 -3.63 22.58
CA PHE A 96 -5.61 -3.82 21.12
C PHE A 96 -4.85 -2.65 20.47
N ILE A 97 -5.15 -1.40 20.91
CA ILE A 97 -4.52 -0.17 20.43
C ILE A 97 -3.00 -0.22 20.69
N SER A 98 -2.59 -0.69 21.88
CA SER A 98 -1.18 -0.82 22.24
C SER A 98 -0.48 -1.92 21.45
N MET A 99 -1.19 -3.02 21.10
CA MET A 99 -0.64 -4.13 20.30
C MET A 99 -0.21 -3.62 18.91
N LEU A 100 -0.89 -2.57 18.42
CA LEU A 100 -0.64 -1.92 17.14
C LEU A 100 0.58 -1.02 17.15
N SER A 101 1.24 -0.85 18.33
CA SER A 101 2.49 -0.10 18.47
C SER A 101 3.68 -0.96 18.04
N PHE A 102 3.48 -2.28 17.94
CA PHE A 102 4.51 -3.24 17.57
C PHE A 102 4.28 -3.78 16.16
N ASP A 103 5.37 -4.00 15.39
CA ASP A 103 5.33 -4.55 14.03
C ASP A 103 4.64 -5.89 13.96
N LYS A 104 4.89 -6.75 14.98
CA LYS A 104 4.28 -8.07 15.12
C LYS A 104 2.76 -7.96 15.20
N GLY A 105 2.25 -6.99 15.98
CA GLY A 105 0.82 -6.70 16.09
C GLY A 105 0.23 -6.30 14.76
N ILE A 106 0.89 -5.38 14.05
CA ILE A 106 0.49 -4.88 12.73
C ILE A 106 0.46 -6.00 11.66
N LYS A 107 1.55 -6.79 11.58
CA LYS A 107 1.72 -7.83 10.58
C LYS A 107 0.68 -8.97 10.64
N ILE A 108 0.10 -9.28 11.83
CA ILE A 108 -0.91 -10.34 12.00
C ILE A 108 -2.36 -9.88 11.63
N MET A 109 -2.59 -8.56 11.52
CA MET A 109 -3.90 -7.96 11.23
C MET A 109 -4.63 -8.53 10.00
N PRO A 110 -4.03 -8.69 8.78
CA PRO A 110 -4.81 -9.27 7.67
C PRO A 110 -5.28 -10.71 7.94
N ARG A 111 -4.43 -11.50 8.64
CA ARG A 111 -4.70 -12.88 9.03
C ARG A 111 -5.82 -12.96 10.07
N ILE A 112 -5.87 -11.98 11.00
CA ILE A 112 -6.93 -11.83 12.01
C ILE A 112 -8.28 -11.66 11.29
N PHE A 113 -8.31 -10.77 10.28
CA PHE A 113 -9.48 -10.45 9.47
C PHE A 113 -10.01 -11.62 8.65
N ASN A 114 -9.18 -12.61 8.35
CA ASN A 114 -9.63 -13.82 7.63
C ASN A 114 -10.59 -14.66 8.47
N PHE A 115 -10.49 -14.56 9.83
CA PHE A 115 -11.29 -15.37 10.75
C PHE A 115 -12.40 -14.62 11.50
N LEU A 116 -12.67 -13.35 11.13
CA LEU A 116 -13.71 -12.56 11.79
C LEU A 116 -14.91 -12.34 10.89
N ASP A 117 -16.07 -12.05 11.52
CA ASP A 117 -17.30 -11.71 10.79
C ASP A 117 -17.41 -10.17 10.66
N LYS A 118 -18.45 -9.68 9.97
CA LYS A 118 -18.67 -8.24 9.70
C LYS A 118 -18.70 -7.37 10.97
N GLN A 119 -19.54 -7.73 11.97
CA GLN A 119 -19.66 -6.96 13.21
C GLN A 119 -18.37 -6.92 14.06
N GLN A 120 -17.56 -8.01 14.03
CA GLN A 120 -16.27 -8.07 14.73
C GLN A 120 -15.28 -7.13 14.06
N LYS A 121 -15.21 -7.15 12.72
CA LYS A 121 -14.38 -6.28 11.88
C LYS A 121 -14.77 -4.81 12.08
N LEU A 122 -16.07 -4.52 12.16
CA LEU A 122 -16.61 -3.19 12.38
C LEU A 122 -16.23 -2.69 13.78
N LYS A 123 -16.26 -3.57 14.80
CA LYS A 123 -15.87 -3.25 16.19
C LYS A 123 -14.39 -2.86 16.28
N ILE A 124 -13.53 -3.51 15.45
CA ILE A 124 -12.08 -3.21 15.37
C ILE A 124 -11.89 -1.80 14.80
N LEU A 125 -12.54 -1.50 13.66
CA LEU A 125 -12.51 -0.19 12.99
C LEU A 125 -13.02 0.89 13.97
N GLN A 126 -14.16 0.65 14.67
CA GLN A 126 -14.75 1.53 15.69
C GLN A 126 -13.73 1.82 16.79
N LYS A 127 -13.02 0.80 17.30
CA LYS A 127 -11.98 0.95 18.33
C LYS A 127 -10.80 1.83 17.84
N ILE A 128 -10.28 1.53 16.63
CA ILE A 128 -9.19 2.27 15.98
C ILE A 128 -9.56 3.76 15.87
N PHE A 129 -10.75 4.07 15.30
CA PHE A 129 -11.20 5.45 15.13
C PHE A 129 -11.51 6.14 16.48
N ASN A 130 -12.03 5.40 17.48
CA ASN A 130 -12.35 5.91 18.82
C ASN A 130 -11.09 6.32 19.61
N GLU A 131 -9.99 5.58 19.45
CA GLU A 131 -8.75 5.84 20.18
C GLU A 131 -7.58 6.24 19.23
N LEU A 132 -7.89 6.79 18.04
CA LEU A 132 -6.91 7.16 17.03
C LEU A 132 -5.79 8.11 17.52
N SER A 133 -6.10 9.03 18.46
CA SER A 133 -5.09 9.94 19.02
C SER A 133 -4.13 9.25 19.99
N HIS A 134 -4.53 8.10 20.53
CA HIS A 134 -3.75 7.29 21.45
C HIS A 134 -2.92 6.24 20.71
N LEU A 135 -3.10 6.14 19.37
CA LEU A 135 -2.39 5.19 18.51
C LEU A 135 -0.98 5.73 18.32
N GLN A 136 0.03 4.95 18.74
CA GLN A 136 1.44 5.31 18.67
C GLN A 136 1.89 5.69 17.26
N ILE A 137 1.34 5.02 16.22
CA ILE A 137 1.67 5.28 14.81
C ILE A 137 1.26 6.71 14.38
N ILE A 138 0.22 7.26 15.01
CA ILE A 138 -0.28 8.61 14.75
C ILE A 138 0.72 9.60 15.36
N ILE A 139 1.15 9.35 16.62
CA ILE A 139 2.13 10.18 17.33
C ILE A 139 3.47 10.18 16.56
N LEU A 140 3.90 9.01 16.02
CA LEU A 140 5.13 8.87 15.24
C LEU A 140 5.08 9.55 13.87
N SER A 141 3.91 9.55 13.20
CA SER A 141 3.73 10.13 11.87
C SER A 141 3.30 11.60 11.88
N SER A 142 3.11 12.19 13.08
CA SER A 142 2.74 13.59 13.20
C SER A 142 4.00 14.42 13.32
N TYR A 143 4.13 15.44 12.47
CA TYR A 143 5.26 16.37 12.51
C TYR A 143 5.24 17.22 13.80
N LYS A 144 4.08 17.33 14.45
CA LYS A 144 3.92 18.10 15.69
C LYS A 144 4.51 17.34 16.88
N THR A 145 4.13 16.06 17.05
CA THR A 145 4.60 15.22 18.16
C THR A 145 5.95 14.55 17.89
N THR A 146 6.27 14.25 16.62
CA THR A 146 7.54 13.64 16.20
C THR A 146 8.15 14.48 15.05
N PRO A 147 8.79 15.64 15.37
CA PRO A 147 9.36 16.47 14.30
C PRO A 147 10.60 15.90 13.65
N LYS A 148 11.32 14.99 14.35
CA LYS A 148 12.53 14.36 13.84
C LYS A 148 12.42 12.82 13.91
N PRO A 149 11.53 12.18 13.10
CA PRO A 149 11.41 10.71 13.17
C PRO A 149 12.65 10.00 12.63
N THR A 150 13.06 8.92 13.27
CA THR A 150 14.22 8.15 12.84
C THR A 150 13.80 7.28 11.65
N LEU A 151 14.77 6.69 10.91
CA LEU A 151 14.46 5.81 9.79
C LEU A 151 13.59 4.59 10.22
N THR A 152 13.88 4.02 11.40
CA THR A 152 13.16 2.90 12.00
C THR A 152 11.68 3.29 12.22
N GLN A 153 11.43 4.53 12.68
CA GLN A 153 10.10 5.08 12.91
C GLN A 153 9.35 5.28 11.60
N LEU A 154 10.04 5.77 10.56
CA LEU A 154 9.46 5.96 9.22
C LEU A 154 9.03 4.61 8.61
N LYS A 155 9.86 3.56 8.82
CA LYS A 155 9.60 2.18 8.35
C LYS A 155 8.33 1.63 8.98
N LYS A 156 8.12 1.89 10.29
CA LYS A 156 6.92 1.49 11.04
C LYS A 156 5.66 2.13 10.47
N VAL A 157 5.76 3.43 10.11
CA VAL A 157 4.68 4.23 9.53
C VAL A 157 4.28 3.66 8.15
N ASP A 158 5.27 3.37 7.28
CA ASP A 158 5.07 2.78 5.95
C ASP A 158 4.41 1.40 6.05
N LEU A 159 4.80 0.59 7.09
CA LEU A 159 4.23 -0.75 7.36
C LEU A 159 2.74 -0.62 7.73
N PHE A 160 2.41 0.23 8.72
CA PHE A 160 1.04 0.47 9.15
C PHE A 160 0.19 0.94 7.97
N GLN A 161 0.73 1.85 7.14
CA GLN A 161 0.08 2.37 5.94
C GLN A 161 -0.27 1.26 4.93
N MET A 162 0.71 0.40 4.61
CA MET A 162 0.59 -0.70 3.65
C MET A 162 -0.39 -1.78 4.10
N ILE A 163 -0.32 -2.20 5.37
CA ILE A 163 -1.15 -3.29 5.89
C ILE A 163 -2.53 -2.82 6.37
N ILE A 164 -2.58 -1.94 7.41
CA ILE A 164 -3.82 -1.49 8.04
C ILE A 164 -4.78 -0.74 7.09
N LEU A 165 -4.29 0.21 6.32
CA LEU A 165 -5.14 0.96 5.41
C LEU A 165 -5.74 0.12 4.28
N LYS A 166 -5.00 -0.89 3.76
CA LYS A 166 -5.45 -1.84 2.73
C LYS A 166 -6.66 -2.69 3.25
N ILE A 167 -6.62 -3.04 4.54
CA ILE A 167 -7.67 -3.79 5.25
C ILE A 167 -8.93 -2.93 5.37
N ILE A 168 -8.79 -1.67 5.82
CA ILE A 168 -9.87 -0.70 5.99
C ILE A 168 -10.57 -0.45 4.63
N VAL A 169 -9.78 -0.16 3.57
CA VAL A 169 -10.22 0.07 2.17
C VAL A 169 -11.06 -1.10 1.68
N SER A 170 -10.53 -2.35 1.72
CA SER A 170 -11.22 -3.58 1.28
C SER A 170 -12.52 -3.81 2.01
N PHE A 171 -12.52 -3.71 3.36
CA PHE A 171 -13.69 -3.89 4.20
C PHE A 171 -14.80 -2.88 3.91
N LEU A 172 -14.48 -1.58 3.79
CA LEU A 172 -15.45 -0.53 3.53
C LEU A 172 -16.02 -0.56 2.10
N SER A 173 -15.20 -1.01 1.14
CA SER A 173 -15.57 -1.13 -0.27
C SER A 173 -16.59 -2.26 -0.48
N ASN A 174 -16.56 -3.29 0.39
CA ASN A 174 -17.38 -4.50 0.30
C ASN A 174 -18.47 -4.67 1.37
N ASN A 175 -18.11 -4.58 2.67
CA ASN A 175 -19.02 -4.86 3.80
C ASN A 175 -19.49 -3.63 4.62
N SER A 176 -19.80 -2.49 3.98
CA SER A 176 -20.29 -1.35 4.73
C SER A 176 -21.39 -0.57 4.03
N ASN A 177 -22.44 -0.24 4.81
CA ASN A 177 -23.59 0.56 4.39
C ASN A 177 -23.42 2.02 4.87
N PHE A 178 -24.35 2.91 4.47
CA PHE A 178 -24.36 4.34 4.83
C PHE A 178 -24.21 4.59 6.34
N ILE A 179 -25.12 4.00 7.16
CA ILE A 179 -25.11 4.14 8.63
C ILE A 179 -23.73 3.80 9.25
N GLU A 180 -23.11 2.71 8.80
CA GLU A 180 -21.82 2.23 9.31
C GLU A 180 -20.64 3.17 8.99
N ILE A 181 -20.54 3.68 7.74
CA ILE A 181 -19.51 4.65 7.33
C ILE A 181 -19.69 5.96 8.11
N MET A 182 -20.96 6.47 8.20
CA MET A 182 -21.32 7.68 8.94
C MET A 182 -20.94 7.49 10.41
N GLY A 183 -21.19 6.30 10.96
CA GLY A 183 -20.83 5.91 12.31
C GLY A 183 -19.35 6.04 12.59
N LEU A 184 -18.50 5.59 11.64
CA LEU A 184 -17.04 5.66 11.78
C LEU A 184 -16.53 7.09 11.73
N LEU A 185 -17.12 7.93 10.86
CA LEU A 185 -16.78 9.36 10.74
C LEU A 185 -17.09 10.08 12.05
N LEU A 186 -18.26 9.81 12.65
CA LEU A 186 -18.67 10.38 13.93
C LEU A 186 -17.76 9.92 15.05
N GLN A 187 -17.31 8.66 15.02
CA GLN A 187 -16.37 8.13 16.02
C GLN A 187 -15.05 8.94 15.99
N LEU A 188 -14.57 9.26 14.78
CA LEU A 188 -13.36 10.03 14.54
C LEU A 188 -13.48 11.47 15.06
N ILE A 189 -14.54 12.18 14.65
CA ILE A 189 -14.81 13.58 14.97
C ILE A 189 -15.11 13.83 16.48
N ARG A 190 -15.88 12.92 17.12
CA ARG A 190 -16.28 13.05 18.53
C ARG A 190 -15.22 12.67 19.56
N ASN A 191 -14.28 11.77 19.21
CA ASN A 191 -13.29 11.28 20.16
C ASN A 191 -11.87 11.78 19.94
N ASN A 192 -11.66 12.62 18.93
CA ASN A 192 -10.32 13.13 18.61
C ASN A 192 -10.29 14.60 18.25
N ASN A 193 -9.09 15.20 18.40
CA ASN A 193 -8.77 16.53 17.93
C ASN A 193 -8.42 16.20 16.46
N VAL A 194 -9.38 16.44 15.56
CA VAL A 194 -9.28 16.15 14.12
C VAL A 194 -8.10 16.88 13.48
N SER A 195 -7.85 18.16 13.86
CA SER A 195 -6.71 18.91 13.34
C SER A 195 -5.37 18.23 13.64
N PHE A 196 -5.22 17.66 14.86
CA PHE A 196 -4.02 16.91 15.21
C PHE A 196 -3.87 15.68 14.29
N LEU A 197 -4.98 14.96 14.02
CA LEU A 197 -4.98 13.78 13.12
C LEU A 197 -4.51 14.10 11.70
N THR A 198 -4.80 15.31 11.22
CA THR A 198 -4.40 15.76 9.88
C THR A 198 -2.90 16.13 9.80
N THR A 199 -2.19 16.25 10.95
CA THR A 199 -0.74 16.55 10.97
C THR A 199 0.05 15.25 10.77
N SER A 200 -0.68 14.12 10.75
CA SER A 200 -0.18 12.76 10.59
C SER A 200 -0.58 12.21 9.23
N LYS A 201 0.39 11.59 8.54
CA LYS A 201 0.17 10.96 7.24
C LYS A 201 -0.89 9.85 7.33
N ILE A 202 -0.86 9.04 8.41
CA ILE A 202 -1.81 7.93 8.65
C ILE A 202 -3.19 8.50 8.91
N GLY A 203 -3.25 9.49 9.80
CA GLY A 203 -4.48 10.18 10.16
C GLY A 203 -5.17 10.76 8.95
N LEU A 204 -4.41 11.51 8.13
CA LEU A 204 -4.93 12.12 6.90
C LEU A 204 -5.46 11.10 5.89
N ASN A 205 -4.69 10.03 5.65
CA ASN A 205 -5.07 8.95 4.74
C ASN A 205 -6.31 8.20 5.21
N LEU A 206 -6.45 8.00 6.54
CA LEU A 206 -7.64 7.36 7.12
C LEU A 206 -8.89 8.19 6.88
N ILE A 207 -8.77 9.53 7.04
CA ILE A 207 -9.88 10.47 6.82
C ILE A 207 -10.27 10.48 5.33
N THR A 208 -9.28 10.50 4.40
CA THR A 208 -9.50 10.46 2.94
C THR A 208 -10.31 9.20 2.54
N ILE A 209 -9.97 8.05 3.12
CA ILE A 209 -10.66 6.79 2.86
C ILE A 209 -12.14 6.90 3.26
N LEU A 210 -12.42 7.41 4.48
CA LEU A 210 -13.79 7.60 4.98
C LEU A 210 -14.58 8.56 4.11
N ILE A 211 -13.99 9.74 3.76
CA ILE A 211 -14.65 10.76 2.92
C ILE A 211 -14.97 10.22 1.53
N SER A 212 -13.96 9.59 0.87
CA SER A 212 -14.09 8.99 -0.47
C SER A 212 -15.19 7.91 -0.52
N ARG A 213 -15.25 7.05 0.53
CA ARG A 213 -16.27 6.00 0.61
C ARG A 213 -17.68 6.58 0.82
N ALA A 214 -17.83 7.58 1.73
CA ALA A 214 -19.07 8.30 2.02
C ALA A 214 -19.61 8.97 0.74
N ALA A 215 -18.72 9.57 -0.06
CA ALA A 215 -19.03 10.25 -1.32
C ALA A 215 -19.56 9.30 -2.40
N LEU A 216 -19.15 8.01 -2.37
CA LEU A 216 -19.59 6.99 -3.34
C LEU A 216 -21.01 6.48 -3.04
N ILE A 217 -21.40 6.49 -1.74
CA ILE A 217 -22.73 6.06 -1.29
C ILE A 217 -23.74 7.17 -1.63
N GLU A 231 -29.83 10.23 3.38
CA GLU A 231 -29.37 10.34 2.00
C GLU A 231 -28.24 11.38 1.88
N ILE A 232 -28.34 12.31 0.88
CA ILE A 232 -27.40 13.43 0.70
C ILE A 232 -27.29 14.14 2.05
N SER A 233 -28.46 14.41 2.64
CA SER A 233 -28.76 15.09 3.88
C SER A 233 -27.90 14.69 5.07
N THR A 234 -27.86 13.41 5.56
CA THR A 234 -27.06 13.06 6.75
C THR A 234 -25.56 13.29 6.48
N TRP A 235 -25.10 12.90 5.28
CA TRP A 235 -23.72 13.07 4.85
C TRP A 235 -23.35 14.56 4.80
N ASN A 236 -24.22 15.45 4.27
CA ASN A 236 -23.96 16.90 4.26
C ASN A 236 -23.76 17.42 5.68
N GLU A 237 -24.56 16.93 6.64
CA GLU A 237 -24.48 17.30 8.05
C GLU A 237 -23.21 16.80 8.70
N ILE A 238 -22.83 15.55 8.44
CA ILE A 238 -21.61 14.95 9.01
C ILE A 238 -20.33 15.56 8.39
N TYR A 239 -20.34 15.82 7.06
CA TYR A 239 -19.24 16.49 6.36
C TYR A 239 -19.02 17.87 7.01
N ASP A 240 -20.10 18.62 7.29
CA ASP A 240 -20.04 19.93 7.92
C ASP A 240 -19.48 19.89 9.34
N LYS A 241 -19.76 18.84 10.11
CA LYS A 241 -19.22 18.67 11.47
C LYS A 241 -17.70 18.45 11.36
N LEU A 242 -17.26 17.66 10.37
CA LEU A 242 -15.85 17.40 10.09
C LEU A 242 -15.17 18.68 9.64
N PHE A 243 -15.83 19.44 8.74
CA PHE A 243 -15.33 20.70 8.21
C PHE A 243 -15.11 21.72 9.34
N THR A 244 -16.01 21.76 10.34
CA THR A 244 -15.92 22.63 11.52
C THR A 244 -14.64 22.35 12.32
N SER A 245 -14.30 21.09 12.54
CA SER A 245 -13.09 20.72 13.28
C SER A 245 -11.75 21.07 12.55
N LEU A 246 -11.81 21.30 11.21
CA LEU A 246 -10.67 21.62 10.36
C LEU A 246 -10.55 23.08 10.00
N GLU A 247 -11.67 23.83 10.02
CA GLU A 247 -11.74 25.26 9.64
C GLU A 247 -10.71 26.09 10.39
N SER A 248 -9.96 26.92 9.63
CA SER A 248 -8.85 27.81 10.05
C SER A 248 -7.55 27.03 10.34
N LYS A 249 -7.56 25.68 10.20
CA LYS A 249 -6.41 24.81 10.45
C LYS A 249 -6.03 23.92 9.24
N ILE A 250 -6.68 24.12 8.05
CA ILE A 250 -6.46 23.33 6.83
C ILE A 250 -4.99 23.37 6.35
N GLN A 251 -4.30 24.51 6.49
CA GLN A 251 -2.89 24.68 6.10
C GLN A 251 -1.94 23.76 6.88
N LEU A 252 -2.34 23.39 8.11
CA LEU A 252 -1.56 22.52 9.01
C LEU A 252 -1.39 21.08 8.48
N ILE A 253 -2.10 20.71 7.41
CA ILE A 253 -1.96 19.38 6.78
C ILE A 253 -0.62 19.29 6.02
N PHE A 254 -0.03 20.46 5.65
CA PHE A 254 1.26 20.53 4.95
C PHE A 254 2.36 20.65 6.01
N PRO A 255 3.24 19.64 6.14
CA PRO A 255 4.29 19.71 7.16
C PRO A 255 5.34 20.79 6.90
N PRO A 256 6.04 21.27 7.95
CA PRO A 256 7.06 22.30 7.74
C PRO A 256 8.20 21.79 6.88
N ARG A 257 8.92 22.71 6.26
CA ARG A 257 10.05 22.44 5.38
C ARG A 257 11.19 21.70 6.09
N GLU A 258 11.45 22.02 7.38
CA GLU A 258 12.47 21.37 8.21
C GLU A 258 12.15 19.89 8.40
N TYR A 259 10.85 19.56 8.50
CA TYR A 259 10.36 18.19 8.61
C TYR A 259 10.58 17.44 7.29
N ASN A 260 10.15 18.05 6.14
CA ASN A 260 10.35 17.48 4.81
C ASN A 260 11.81 17.16 4.54
N ASP A 261 12.71 18.12 4.80
CA ASP A 261 14.16 17.99 4.65
C ASP A 261 14.70 16.77 5.36
N HIS A 262 14.31 16.59 6.64
CA HIS A 262 14.70 15.50 7.52
C HIS A 262 14.32 14.15 6.92
N ILE A 263 13.04 14.01 6.43
CA ILE A 263 12.51 12.79 5.78
C ILE A 263 13.28 12.51 4.46
N MET A 264 13.44 13.55 3.61
CA MET A 264 14.12 13.47 2.33
C MET A 264 15.56 12.97 2.48
N ARG A 265 16.28 13.47 3.50
CA ARG A 265 17.64 13.10 3.86
C ARG A 265 17.70 11.61 4.25
N LEU A 266 16.77 11.13 5.09
CA LEU A 266 16.71 9.74 5.56
C LEU A 266 16.31 8.73 4.50
N GLN A 267 15.44 9.13 3.57
CA GLN A 267 14.93 8.21 2.54
C GLN A 267 15.62 8.35 1.18
N ASN A 268 16.58 9.30 1.06
CA ASN A 268 17.29 9.65 -0.17
C ASN A 268 16.29 10.12 -1.27
N ASP A 269 15.25 10.88 -0.84
CA ASP A 269 14.24 11.42 -1.73
C ASP A 269 14.73 12.76 -2.22
N LYS A 270 14.60 12.99 -3.52
CA LYS A 270 15.01 14.23 -4.15
C LYS A 270 13.89 15.28 -3.93
N PHE A 271 12.62 14.80 -3.84
CA PHE A 271 11.40 15.57 -3.57
C PHE A 271 10.51 14.88 -2.58
N MET A 272 9.84 15.65 -1.73
CA MET A 272 8.90 15.13 -0.74
C MET A 272 7.60 14.74 -1.43
N ASP A 273 7.13 13.50 -1.22
CA ASP A 273 5.87 13.03 -1.80
C ASP A 273 4.69 13.60 -1.00
N GLU A 274 3.92 14.52 -1.62
CA GLU A 274 2.78 15.17 -0.99
C GLU A 274 1.44 14.87 -1.71
N ALA A 275 1.44 13.82 -2.56
CA ALA A 275 0.27 13.31 -3.31
C ALA A 275 -0.93 13.01 -2.40
N TYR A 276 -0.66 12.45 -1.20
CA TYR A 276 -1.67 12.12 -0.20
C TYR A 276 -2.37 13.36 0.35
N ILE A 277 -1.66 14.52 0.38
CA ILE A 277 -2.22 15.79 0.86
C ILE A 277 -3.21 16.30 -0.17
N TRP A 278 -2.80 16.32 -1.46
CA TRP A 278 -3.66 16.78 -2.55
C TRP A 278 -4.82 15.85 -2.80
N ALA A 279 -4.67 14.52 -2.50
CA ALA A 279 -5.73 13.53 -2.59
C ALA A 279 -6.78 13.82 -1.51
N PHE A 280 -6.33 14.16 -0.28
CA PHE A 280 -7.22 14.53 0.82
C PHE A 280 -8.00 15.78 0.46
N LEU A 281 -7.31 16.83 -0.03
CA LEU A 281 -7.91 18.10 -0.43
C LEU A 281 -8.92 17.93 -1.54
N ALA A 282 -8.65 17.01 -2.49
CA ALA A 282 -9.55 16.68 -3.61
C ALA A 282 -10.82 16.05 -3.09
N SER A 283 -10.72 15.09 -2.13
CA SER A 283 -11.89 14.42 -1.55
C SER A 283 -12.70 15.37 -0.67
N LEU A 284 -12.02 16.25 0.10
CA LEU A 284 -12.67 17.26 0.95
C LEU A 284 -13.43 18.25 0.06
N ALA A 285 -12.80 18.74 -1.03
CA ALA A 285 -13.42 19.67 -1.97
C ALA A 285 -14.62 19.11 -2.72
N ALA A 286 -14.50 17.84 -3.19
CA ALA A 286 -15.52 17.12 -3.95
C ALA A 286 -16.84 16.90 -3.20
N SER A 287 -16.78 16.71 -1.87
CA SER A 287 -17.95 16.50 -1.00
C SER A 287 -18.48 17.82 -0.39
N GLY A 288 -17.82 18.92 -0.71
CA GLY A 288 -18.21 20.22 -0.19
C GLY A 288 -19.01 21.05 -1.15
N LYS A 289 -19.80 21.97 -0.58
CA LYS A 289 -20.58 22.92 -1.35
C LYS A 289 -19.59 24.02 -1.79
N LEU A 290 -20.07 25.03 -2.56
CA LEU A 290 -19.24 26.15 -3.00
C LEU A 290 -18.56 26.87 -1.83
N ASN A 291 -19.31 27.12 -0.74
CA ASN A 291 -18.82 27.80 0.47
C ASN A 291 -17.68 27.05 1.16
N HIS A 292 -17.70 25.70 1.14
CA HIS A 292 -16.63 24.87 1.70
C HIS A 292 -15.38 25.00 0.81
N GLN A 293 -15.58 24.98 -0.52
CA GLN A 293 -14.53 25.11 -1.53
C GLN A 293 -13.81 26.44 -1.47
N ARG A 294 -14.56 27.54 -1.22
CA ARG A 294 -14.07 28.91 -1.05
C ARG A 294 -13.06 28.96 0.10
N ILE A 295 -13.43 28.35 1.25
CA ILE A 295 -12.62 28.27 2.47
C ILE A 295 -11.35 27.46 2.20
N ILE A 296 -11.49 26.24 1.58
CA ILE A 296 -10.36 25.36 1.27
C ILE A 296 -9.30 26.10 0.43
N ILE A 297 -9.70 26.68 -0.74
CA ILE A 297 -8.84 27.45 -1.66
C ILE A 297 -8.13 28.61 -0.92
N ASP A 298 -8.88 29.35 -0.09
CA ASP A 298 -8.35 30.46 0.69
C ASP A 298 -7.25 29.99 1.63
N GLU A 299 -7.50 28.90 2.37
CA GLU A 299 -6.59 28.36 3.37
C GLU A 299 -5.33 27.72 2.80
N VAL A 300 -5.40 27.15 1.57
CA VAL A 300 -4.25 26.48 0.94
C VAL A 300 -3.64 27.28 -0.23
N ARG A 301 -4.12 28.53 -0.47
CA ARG A 301 -3.65 29.40 -1.57
C ARG A 301 -2.12 29.47 -1.67
N ASP A 302 -1.42 29.69 -0.53
CA ASP A 302 0.04 29.79 -0.50
C ASP A 302 0.70 28.47 -0.86
N GLU A 303 0.04 27.34 -0.52
CA GLU A 303 0.52 26.00 -0.84
C GLU A 303 0.34 25.67 -2.32
N ILE A 304 -0.72 26.20 -2.95
CA ILE A 304 -0.98 26.05 -4.38
C ILE A 304 0.15 26.75 -5.16
N PHE A 305 0.47 28.01 -4.77
CA PHE A 305 1.52 28.82 -5.38
C PHE A 305 2.95 28.24 -5.13
N ALA A 306 3.22 27.70 -3.92
CA ALA A 306 4.48 27.03 -3.59
C ALA A 306 4.74 25.80 -4.50
N THR A 307 3.69 24.99 -4.77
CA THR A 307 3.75 23.81 -5.65
C THR A 307 4.01 24.22 -7.10
N ILE A 308 3.36 25.32 -7.56
CA ILE A 308 3.55 25.87 -8.90
C ILE A 308 5.02 26.32 -9.08
N ASN A 309 5.60 26.97 -8.06
CA ASN A 309 6.99 27.41 -8.05
C ASN A 309 7.95 26.24 -8.19
N GLU A 310 7.69 25.13 -7.45
CA GLU A 310 8.49 23.90 -7.50
C GLU A 310 8.44 23.28 -8.90
N ALA A 311 7.25 23.22 -9.51
CA ALA A 311 7.03 22.68 -10.86
C ALA A 311 7.72 23.54 -11.91
N GLU A 312 7.66 24.89 -11.77
CA GLU A 312 8.31 25.84 -12.68
C GLU A 312 9.85 25.80 -12.57
N THR A 313 10.40 25.54 -11.35
CA THR A 313 11.84 25.38 -11.11
C THR A 313 12.30 24.10 -11.85
N LEU A 314 11.50 23.01 -11.78
CA LEU A 314 11.79 21.75 -12.46
C LEU A 314 11.73 21.90 -13.99
N GLN A 315 10.77 22.67 -14.50
CA GLN A 315 10.63 22.94 -15.94
C GLN A 315 11.88 23.68 -16.48
N LYS A 316 12.37 24.69 -15.72
CA LYS A 316 13.59 25.44 -16.05
C LYS A 316 14.81 24.48 -16.10
N LYS A 317 14.97 23.60 -15.07
CA LYS A 317 16.06 22.60 -14.96
C LYS A 317 16.07 21.65 -16.14
N GLU A 318 14.86 21.20 -16.55
CA GLU A 318 14.64 20.32 -17.69
C GLU A 318 15.14 21.01 -18.96
N LYS A 319 14.74 22.28 -19.20
CA LYS A 319 15.14 23.08 -20.36
C LYS A 319 16.65 23.27 -20.43
N GLU A 320 17.30 23.60 -19.30
CA GLU A 320 18.75 23.82 -19.20
C GLU A 320 19.57 22.56 -19.46
N LEU A 321 19.09 21.40 -18.98
CA LEU A 321 19.80 20.14 -19.15
C LEU A 321 19.54 19.46 -20.50
N SER A 322 18.31 19.56 -21.04
CA SER A 322 17.96 18.96 -22.34
C SER A 322 18.66 19.60 -23.53
N VAL A 323 19.06 20.90 -23.42
CA VAL A 323 19.77 21.63 -24.49
C VAL A 323 21.26 21.25 -24.61
N LEU A 324 21.83 20.56 -23.58
CA LEU A 324 23.23 20.14 -23.54
C LEU A 324 23.53 19.15 -24.69
N PRO A 325 24.59 19.42 -25.52
CA PRO A 325 24.88 18.51 -26.65
C PRO A 325 25.23 17.09 -26.23
N GLN A 326 26.27 16.93 -25.38
CA GLN A 326 26.71 15.64 -24.86
C GLN A 326 25.78 15.18 -23.73
N ARG A 327 25.24 13.95 -23.85
CA ARG A 327 24.33 13.39 -22.87
C ARG A 327 24.71 11.94 -22.47
N SER A 328 25.38 11.79 -21.31
CA SER A 328 25.75 10.49 -20.74
C SER A 328 24.52 9.80 -20.17
N GLN A 329 24.67 8.52 -19.74
CA GLN A 329 23.56 7.76 -19.13
C GLN A 329 23.10 8.44 -17.84
N GLU A 330 24.03 9.03 -17.08
CA GLU A 330 23.73 9.73 -15.84
C GLU A 330 22.89 10.99 -16.07
N LEU A 331 23.20 11.78 -17.13
CA LEU A 331 22.44 12.98 -17.48
C LEU A 331 21.01 12.61 -17.95
N ASP A 332 20.89 11.47 -18.66
CA ASP A 332 19.60 10.95 -19.12
C ASP A 332 18.76 10.53 -17.91
N THR A 333 19.40 9.95 -16.88
CA THR A 333 18.75 9.56 -15.62
C THR A 333 18.27 10.84 -14.92
N GLU A 334 19.12 11.90 -14.88
CA GLU A 334 18.81 13.21 -14.29
C GLU A 334 17.57 13.84 -14.94
N LEU A 335 17.54 13.89 -16.29
CA LEU A 335 16.43 14.44 -17.06
C LEU A 335 15.11 13.69 -16.86
N LYS A 336 15.18 12.35 -16.86
CA LYS A 336 14.00 11.50 -16.65
C LYS A 336 13.43 11.71 -15.26
N SER A 337 14.31 11.92 -14.26
CA SER A 337 13.97 12.20 -12.87
C SER A 337 13.29 13.56 -12.73
N ILE A 338 13.76 14.58 -13.48
CA ILE A 338 13.20 15.94 -13.44
C ILE A 338 11.81 15.96 -14.08
N ILE A 339 11.66 15.36 -15.29
CA ILE A 339 10.38 15.27 -16.02
C ILE A 339 9.32 14.52 -15.19
N TYR A 340 9.73 13.40 -14.55
CA TYR A 340 8.87 12.57 -13.70
C TYR A 340 8.33 13.37 -12.53
N ASN A 341 9.22 14.08 -11.81
CA ASN A 341 8.84 14.89 -10.66
C ASN A 341 8.04 16.15 -11.03
N LYS A 342 8.30 16.73 -12.22
CA LYS A 342 7.55 17.88 -12.75
C LYS A 342 6.11 17.47 -13.04
N GLU A 343 5.93 16.39 -13.81
CA GLU A 343 4.61 15.85 -14.17
C GLU A 343 3.84 15.39 -12.96
N LYS A 344 4.55 14.86 -11.93
CA LYS A 344 3.96 14.40 -10.68
C LYS A 344 3.28 15.58 -9.96
N LEU A 345 3.97 16.73 -9.84
CA LEU A 345 3.44 17.94 -9.21
C LEU A 345 2.22 18.49 -9.96
N TYR A 346 2.25 18.48 -11.32
CA TYR A 346 1.14 18.89 -12.18
C TYR A 346 -0.10 18.04 -11.89
N GLN A 347 0.07 16.68 -11.92
CA GLN A 347 -0.98 15.68 -11.72
C GLN A 347 -1.59 15.73 -10.33
N ASP A 348 -0.75 15.83 -9.27
CA ASP A 348 -1.22 15.90 -7.88
C ASP A 348 -2.03 17.16 -7.61
N LEU A 349 -1.57 18.31 -8.12
CA LEU A 349 -2.29 19.57 -8.00
C LEU A 349 -3.60 19.56 -8.81
N ASN A 350 -3.56 19.03 -10.05
CA ASN A 350 -4.76 18.94 -10.89
C ASN A 350 -5.83 17.97 -10.33
N LEU A 351 -5.44 16.99 -9.50
CA LEU A 351 -6.39 16.08 -8.85
C LEU A 351 -7.34 16.93 -7.98
N PHE A 352 -6.77 17.89 -7.25
CA PHE A 352 -7.49 18.82 -6.38
C PHE A 352 -8.25 19.87 -7.19
N LEU A 353 -7.57 20.56 -8.12
CA LEU A 353 -8.14 21.65 -8.93
C LEU A 353 -9.32 21.23 -9.81
N ASN A 354 -9.19 20.12 -10.58
CA ASN A 354 -10.23 19.62 -11.52
C ASN A 354 -11.58 19.39 -10.85
N VAL A 355 -11.55 18.90 -9.60
CA VAL A 355 -12.70 18.64 -8.73
C VAL A 355 -13.55 19.90 -8.56
N MET A 356 -12.91 21.07 -8.55
CA MET A 356 -13.55 22.38 -8.43
C MET A 356 -13.73 23.08 -9.79
N GLY A 357 -13.49 22.35 -10.88
CA GLY A 357 -13.62 22.87 -12.24
C GLY A 357 -12.49 23.79 -12.66
N LEU A 358 -11.30 23.63 -12.04
CA LEU A 358 -10.11 24.44 -12.35
C LEU A 358 -8.98 23.56 -12.88
N VAL A 359 -7.99 24.16 -13.57
CA VAL A 359 -6.84 23.43 -14.15
C VAL A 359 -5.55 24.26 -14.15
N TYR A 360 -4.40 23.60 -13.84
CA TYR A 360 -3.08 24.21 -13.93
C TYR A 360 -2.45 23.72 -15.22
N ARG A 361 -2.31 24.61 -16.20
CA ARG A 361 -1.77 24.30 -17.51
C ARG A 361 -1.02 25.52 -18.06
N ASP A 362 0.23 25.30 -18.54
CA ASP A 362 1.12 26.30 -19.14
C ASP A 362 1.42 27.48 -18.21
N GLY A 363 1.75 27.12 -16.98
CA GLY A 363 2.12 28.06 -15.93
C GLY A 363 1.02 28.91 -15.33
N GLU A 364 -0.25 28.56 -15.59
CA GLU A 364 -1.40 29.30 -15.06
C GLU A 364 -2.57 28.41 -14.66
N ILE A 365 -3.33 28.86 -13.63
CA ILE A 365 -4.56 28.21 -13.16
C ILE A 365 -5.72 28.90 -13.87
N SER A 366 -6.53 28.12 -14.59
CA SER A 366 -7.69 28.65 -15.29
C SER A 366 -8.90 27.72 -15.19
N GLU A 367 -10.06 28.15 -15.72
CA GLU A 367 -11.30 27.38 -15.70
C GLU A 367 -11.25 26.20 -16.67
N LEU A 368 -11.71 25.03 -16.21
CA LEU A 368 -11.78 23.78 -16.96
C LEU A 368 -13.11 23.69 -17.70
N ASN B 41 7.28 -2.81 -26.19
CA ASN B 41 7.59 -1.40 -26.47
C ASN B 41 6.32 -0.60 -26.81
N LEU B 42 6.36 0.72 -26.54
CA LEU B 42 5.25 1.68 -26.75
C LEU B 42 4.86 1.92 -28.22
N ASN B 43 5.78 1.67 -29.17
CA ASN B 43 5.54 1.84 -30.62
C ASN B 43 4.59 0.75 -31.15
N LYS B 44 4.67 -0.46 -30.55
CA LYS B 44 3.88 -1.66 -30.89
C LYS B 44 2.39 -1.53 -30.49
N SER B 45 2.05 -0.49 -29.69
CA SER B 45 0.72 -0.22 -29.15
C SER B 45 -0.06 0.94 -29.78
N GLY B 46 0.55 1.63 -30.72
CA GLY B 46 -0.10 2.74 -31.42
C GLY B 46 0.63 4.06 -31.39
N GLY B 47 1.61 4.19 -30.51
CA GLY B 47 2.42 5.39 -30.38
C GLY B 47 2.21 6.16 -29.09
N LYS B 48 3.31 6.76 -28.58
CA LYS B 48 3.37 7.56 -27.35
C LYS B 48 2.38 8.74 -27.35
N LYS B 49 2.28 9.49 -28.48
CA LYS B 49 1.39 10.64 -28.66
C LYS B 49 -0.09 10.21 -28.63
N PHE B 50 -0.40 9.04 -29.21
CA PHE B 50 -1.75 8.49 -29.28
C PHE B 50 -2.26 8.01 -27.92
N ILE B 51 -1.43 7.27 -27.16
CA ILE B 51 -1.77 6.73 -25.83
C ILE B 51 -2.03 7.87 -24.82
N LEU B 52 -1.27 8.99 -24.92
CA LEU B 52 -1.45 10.16 -24.04
C LEU B 52 -2.83 10.80 -24.24
N GLU B 53 -3.31 10.84 -25.51
CA GLU B 53 -4.62 11.38 -25.88
C GLU B 53 -5.77 10.52 -25.32
N LEU B 54 -5.57 9.17 -25.30
CA LEU B 54 -6.53 8.21 -24.77
C LEU B 54 -6.72 8.44 -23.27
N ILE B 55 -5.59 8.62 -22.52
CA ILE B 55 -5.56 8.91 -21.08
C ILE B 55 -6.35 10.22 -20.82
N GLU B 56 -6.15 11.25 -21.67
CA GLU B 56 -6.83 12.54 -21.60
C GLU B 56 -8.34 12.37 -21.82
N THR B 57 -8.74 11.48 -22.75
CA THR B 57 -10.13 11.15 -23.04
C THR B 57 -10.76 10.41 -21.84
N VAL B 58 -10.01 9.47 -21.23
CA VAL B 58 -10.43 8.70 -20.04
C VAL B 58 -10.67 9.67 -18.85
N TYR B 59 -9.73 10.61 -18.59
CA TYR B 59 -9.82 11.62 -17.52
C TYR B 59 -11.07 12.50 -17.67
N GLU B 60 -11.35 12.98 -18.91
CA GLU B 60 -12.53 13.78 -19.26
C GLU B 60 -13.81 13.02 -18.89
N GLU B 61 -13.86 11.71 -19.24
CA GLU B 61 -15.00 10.83 -18.98
C GLU B 61 -15.22 10.57 -17.49
N ILE B 62 -14.13 10.38 -16.71
CA ILE B 62 -14.13 10.18 -15.26
C ILE B 62 -14.69 11.43 -14.56
N LEU B 63 -14.21 12.62 -14.96
CA LEU B 63 -14.68 13.90 -14.40
C LEU B 63 -16.18 14.14 -14.68
N ASP B 64 -16.65 13.69 -15.86
CA ASP B 64 -18.06 13.78 -16.25
C ASP B 64 -18.91 12.87 -15.37
N LEU B 65 -18.42 11.64 -15.10
CA LEU B 65 -19.08 10.63 -14.25
C LEU B 65 -19.15 11.09 -12.80
N GLU B 66 -18.04 11.66 -12.28
CA GLU B 66 -17.93 12.18 -10.92
C GLU B 66 -18.85 13.39 -10.70
N ALA B 67 -18.95 14.29 -11.71
CA ALA B 67 -19.83 15.48 -11.69
C ALA B 67 -21.29 15.07 -11.62
N ASN B 68 -21.71 14.08 -12.43
CA ASN B 68 -23.09 13.57 -12.45
C ASN B 68 -23.46 12.86 -11.15
N LEU B 69 -22.49 12.13 -10.54
CA LEU B 69 -22.66 11.41 -9.28
C LEU B 69 -22.93 12.37 -8.11
N ARG B 70 -22.14 13.47 -7.99
CA ARG B 70 -22.31 14.47 -6.93
C ARG B 70 -23.58 15.32 -7.12
N ASN B 71 -24.08 15.44 -8.37
CA ASN B 71 -25.29 16.19 -8.74
C ASN B 71 -26.58 15.35 -8.62
N GLY B 72 -26.44 14.08 -8.26
CA GLY B 72 -27.55 13.13 -8.13
C GLY B 72 -28.16 12.70 -9.45
N GLN B 73 -27.42 12.96 -10.55
CA GLN B 73 -27.80 12.63 -11.94
C GLN B 73 -27.36 11.22 -12.25
N GLN B 74 -27.98 10.57 -13.25
CA GLN B 74 -27.65 9.20 -13.66
C GLN B 74 -26.26 9.15 -14.32
N THR B 75 -25.52 8.06 -14.05
CA THR B 75 -24.17 7.84 -14.58
C THR B 75 -24.14 6.71 -15.61
N ASP B 76 -23.66 7.03 -16.82
CA ASP B 76 -23.54 6.07 -17.93
C ASP B 76 -22.06 5.91 -18.25
N SER B 77 -21.49 4.77 -17.82
CA SER B 77 -20.08 4.41 -17.96
C SER B 77 -19.67 3.90 -19.36
N THR B 78 -20.61 3.89 -20.34
CA THR B 78 -20.40 3.43 -21.72
C THR B 78 -19.26 4.20 -22.43
N ALA B 79 -19.29 5.55 -22.42
CA ALA B 79 -18.27 6.39 -23.05
C ALA B 79 -16.87 6.21 -22.43
N MET B 80 -16.81 5.98 -21.09
CA MET B 80 -15.56 5.74 -20.35
C MET B 80 -15.02 4.35 -20.69
N TRP B 81 -15.89 3.32 -20.72
CA TRP B 81 -15.54 1.94 -21.04
C TRP B 81 -14.99 1.80 -22.47
N GLU B 82 -15.60 2.50 -23.44
CA GLU B 82 -15.17 2.51 -24.84
C GLU B 82 -13.81 3.20 -24.98
N ALA B 83 -13.59 4.29 -24.21
CA ALA B 83 -12.35 5.08 -24.18
C ALA B 83 -11.14 4.28 -23.68
N LEU B 84 -11.38 3.16 -22.96
CA LEU B 84 -10.33 2.29 -22.44
C LEU B 84 -9.65 1.45 -23.51
N HIS B 85 -10.36 1.17 -24.64
CA HIS B 85 -9.90 0.33 -25.77
C HIS B 85 -9.48 -1.07 -25.29
N ILE B 86 -10.19 -1.56 -24.26
CA ILE B 86 -9.99 -2.86 -23.61
C ILE B 86 -10.41 -4.02 -24.54
N ASP B 87 -11.44 -3.80 -25.38
CA ASP B 87 -11.94 -4.78 -26.36
C ASP B 87 -11.27 -4.61 -27.75
N ASP B 88 -10.37 -3.61 -27.89
CA ASP B 88 -9.62 -3.31 -29.12
C ASP B 88 -8.52 -4.36 -29.34
N SER B 89 -8.44 -4.92 -30.57
CA SER B 89 -7.46 -5.96 -30.90
C SER B 89 -6.63 -5.61 -32.15
N SER B 90 -6.67 -4.34 -32.57
CA SER B 90 -5.94 -3.85 -33.74
C SER B 90 -4.41 -3.92 -33.58
N TYR B 91 -3.90 -3.69 -32.36
CA TYR B 91 -2.47 -3.68 -32.05
C TYR B 91 -1.96 -4.98 -31.40
N ASP B 92 -0.62 -5.23 -31.49
CA ASP B 92 0.06 -6.40 -30.91
C ASP B 92 -0.12 -6.38 -29.39
N VAL B 93 0.16 -5.22 -28.78
CA VAL B 93 -0.02 -5.00 -27.34
C VAL B 93 -1.09 -3.92 -27.15
N ASN B 94 -2.20 -4.34 -26.55
CA ASN B 94 -3.44 -3.64 -26.18
C ASN B 94 -3.25 -2.18 -25.70
N PRO B 95 -4.09 -1.23 -26.17
CA PRO B 95 -3.91 0.19 -25.77
C PRO B 95 -4.06 0.47 -24.27
N PHE B 96 -4.93 -0.28 -23.58
CA PHE B 96 -5.14 -0.15 -22.12
C PHE B 96 -3.88 -0.55 -21.36
N ILE B 97 -3.20 -1.62 -21.82
CA ILE B 97 -1.95 -2.14 -21.24
C ILE B 97 -0.84 -1.05 -21.35
N SER B 98 -0.82 -0.33 -22.49
CA SER B 98 0.12 0.76 -22.75
C SER B 98 -0.17 2.00 -21.89
N MET B 99 -1.46 2.26 -21.55
CA MET B 99 -1.86 3.36 -20.68
C MET B 99 -1.31 3.16 -19.26
N LEU B 100 -1.23 1.89 -18.83
CA LEU B 100 -0.71 1.48 -17.52
C LEU B 100 0.80 1.76 -17.34
N SER B 101 1.56 2.00 -18.44
CA SER B 101 3.00 2.31 -18.38
C SER B 101 3.26 3.80 -18.05
N PHE B 102 2.20 4.63 -18.02
CA PHE B 102 2.25 6.04 -17.68
C PHE B 102 1.70 6.22 -16.28
N ASP B 103 2.35 7.05 -15.45
CA ASP B 103 1.93 7.35 -14.07
C ASP B 103 0.48 7.89 -14.06
N LYS B 104 0.13 8.78 -15.02
CA LYS B 104 -1.22 9.34 -15.17
C LYS B 104 -2.25 8.25 -15.45
N GLY B 105 -1.85 7.22 -16.19
CA GLY B 105 -2.69 6.07 -16.53
C GLY B 105 -3.04 5.22 -15.33
N ILE B 106 -2.05 4.87 -14.48
CA ILE B 106 -2.25 4.02 -13.30
C ILE B 106 -2.95 4.80 -12.15
N LYS B 107 -2.72 6.12 -12.04
CA LYS B 107 -3.33 6.98 -11.02
C LYS B 107 -4.88 7.04 -11.08
N ILE B 108 -5.48 6.98 -12.29
CA ILE B 108 -6.94 7.01 -12.45
C ILE B 108 -7.60 5.63 -12.26
N MET B 109 -6.82 4.55 -12.21
CA MET B 109 -7.32 3.18 -12.05
C MET B 109 -8.35 3.02 -10.90
N PRO B 110 -8.14 3.51 -9.63
CA PRO B 110 -9.20 3.39 -8.61
C PRO B 110 -10.50 4.12 -8.96
N ARG B 111 -10.40 5.28 -9.64
CA ARG B 111 -11.54 6.10 -10.07
C ARG B 111 -12.34 5.40 -11.17
N ILE B 112 -11.66 4.71 -12.11
CA ILE B 112 -12.28 3.92 -13.18
C ILE B 112 -13.14 2.81 -12.54
N PHE B 113 -12.55 2.10 -11.55
CA PHE B 113 -13.17 0.99 -10.84
C PHE B 113 -14.43 1.40 -10.05
N ASN B 114 -14.52 2.67 -9.60
CA ASN B 114 -15.69 3.20 -8.90
C ASN B 114 -16.95 3.21 -9.78
N PHE B 115 -16.77 3.32 -11.12
CA PHE B 115 -17.86 3.38 -12.09
C PHE B 115 -18.05 2.10 -12.93
N LEU B 116 -17.41 1.00 -12.55
CA LEU B 116 -17.53 -0.28 -13.26
C LEU B 116 -18.30 -1.32 -12.46
N ASP B 117 -19.01 -2.21 -13.17
CA ASP B 117 -19.72 -3.32 -12.54
C ASP B 117 -18.74 -4.48 -12.37
N LYS B 118 -19.12 -5.53 -11.61
CA LYS B 118 -18.29 -6.72 -11.35
C LYS B 118 -17.71 -7.35 -12.63
N GLN B 119 -18.56 -7.52 -13.68
CA GLN B 119 -18.19 -8.09 -14.98
C GLN B 119 -17.12 -7.26 -15.71
N GLN B 120 -17.23 -5.92 -15.69
CA GLN B 120 -16.26 -5.01 -16.32
C GLN B 120 -14.90 -5.01 -15.60
N LYS B 121 -14.93 -5.11 -14.26
CA LYS B 121 -13.74 -5.21 -13.41
C LYS B 121 -13.00 -6.51 -13.71
N LEU B 122 -13.74 -7.62 -13.92
CA LEU B 122 -13.18 -8.93 -14.25
C LEU B 122 -12.51 -8.93 -15.63
N LYS B 123 -13.12 -8.25 -16.62
CA LYS B 123 -12.58 -8.12 -17.99
C LYS B 123 -11.20 -7.44 -17.95
N ILE B 124 -11.08 -6.35 -17.15
CA ILE B 124 -9.83 -5.57 -16.95
C ILE B 124 -8.77 -6.45 -16.30
N LEU B 125 -9.10 -7.10 -15.17
CA LEU B 125 -8.17 -7.98 -14.44
C LEU B 125 -7.68 -9.16 -15.29
N GLN B 126 -8.57 -9.76 -16.10
CA GLN B 126 -8.25 -10.86 -17.01
C GLN B 126 -7.23 -10.43 -18.06
N LYS B 127 -7.42 -9.24 -18.67
CA LYS B 127 -6.51 -8.69 -19.69
C LYS B 127 -5.13 -8.35 -19.10
N ILE B 128 -5.08 -7.88 -17.83
CA ILE B 128 -3.83 -7.57 -17.14
C ILE B 128 -3.04 -8.87 -16.91
N PHE B 129 -3.69 -9.89 -16.29
CA PHE B 129 -3.07 -11.21 -16.02
C PHE B 129 -2.64 -11.97 -17.29
N ASN B 130 -3.38 -11.77 -18.40
CA ASN B 130 -3.13 -12.38 -19.71
C ASN B 130 -1.87 -11.83 -20.38
N GLU B 131 -1.63 -10.51 -20.21
CA GLU B 131 -0.52 -9.78 -20.82
C GLU B 131 0.50 -9.28 -19.78
N LEU B 132 0.53 -9.88 -18.57
CA LEU B 132 1.40 -9.47 -17.47
C LEU B 132 2.90 -9.37 -17.81
N SER B 133 3.42 -10.31 -18.61
CA SER B 133 4.83 -10.31 -19.05
C SER B 133 5.16 -9.12 -19.97
N HIS B 134 4.17 -8.63 -20.74
CA HIS B 134 4.31 -7.51 -21.69
C HIS B 134 4.19 -6.15 -20.99
N LEU B 135 3.71 -6.11 -19.72
CA LEU B 135 3.54 -4.89 -18.94
C LEU B 135 4.91 -4.29 -18.68
N GLN B 136 5.07 -2.97 -18.93
CA GLN B 136 6.34 -2.29 -18.74
C GLN B 136 6.77 -2.24 -17.28
N ILE B 137 5.82 -2.17 -16.33
CA ILE B 137 6.11 -2.12 -14.90
C ILE B 137 6.68 -3.45 -14.38
N ILE B 138 6.34 -4.57 -15.02
CA ILE B 138 6.83 -5.91 -14.68
C ILE B 138 8.30 -6.00 -15.14
N ILE B 139 8.58 -5.52 -16.36
CA ILE B 139 9.93 -5.47 -16.95
C ILE B 139 10.82 -4.58 -16.05
N LEU B 140 10.30 -3.42 -15.59
CA LEU B 140 11.02 -2.52 -14.68
C LEU B 140 11.26 -3.10 -13.27
N SER B 141 10.32 -3.86 -12.75
CA SER B 141 10.42 -4.45 -11.40
C SER B 141 11.18 -5.78 -11.35
N SER B 142 11.51 -6.37 -12.53
CA SER B 142 12.27 -7.63 -12.60
C SER B 142 13.72 -7.33 -12.47
N TYR B 143 14.41 -8.03 -11.56
CA TYR B 143 15.85 -7.89 -11.39
C TYR B 143 16.62 -8.41 -12.63
N LYS B 144 15.97 -9.29 -13.42
CA LYS B 144 16.54 -9.89 -14.61
C LYS B 144 16.60 -8.89 -15.78
N THR B 145 15.45 -8.29 -16.15
CA THR B 145 15.36 -7.34 -17.26
C THR B 145 15.82 -5.92 -16.87
N THR B 146 15.66 -5.55 -15.58
CA THR B 146 16.08 -4.25 -15.04
C THR B 146 16.98 -4.49 -13.80
N PRO B 147 18.27 -4.88 -14.02
CA PRO B 147 19.16 -5.15 -12.87
C PRO B 147 19.59 -3.92 -12.12
N LYS B 148 19.56 -2.74 -12.79
CA LYS B 148 19.96 -1.48 -12.17
C LYS B 148 18.82 -0.43 -12.32
N PRO B 149 17.66 -0.60 -11.61
CA PRO B 149 16.58 0.42 -11.74
C PRO B 149 16.96 1.77 -11.15
N THR B 150 16.66 2.86 -11.86
CA THR B 150 16.92 4.22 -11.37
C THR B 150 15.94 4.51 -10.22
N LEU B 151 16.18 5.58 -9.45
CA LEU B 151 15.29 5.96 -8.33
C LEU B 151 13.85 6.25 -8.86
N THR B 152 13.74 6.92 -10.04
CA THR B 152 12.49 7.22 -10.75
C THR B 152 11.76 5.90 -11.06
N GLN B 153 12.45 4.90 -11.62
CA GLN B 153 11.90 3.58 -11.96
C GLN B 153 11.37 2.84 -10.73
N LEU B 154 12.09 2.94 -9.58
CA LEU B 154 11.64 2.34 -8.32
C LEU B 154 10.37 3.01 -7.81
N LYS B 155 10.26 4.35 -7.93
CA LYS B 155 9.07 5.11 -7.53
C LYS B 155 7.85 4.75 -8.39
N LYS B 156 8.05 4.48 -9.71
CA LYS B 156 6.98 4.07 -10.62
C LYS B 156 6.47 2.69 -10.21
N VAL B 157 7.40 1.78 -9.86
CA VAL B 157 7.13 0.41 -9.39
C VAL B 157 6.34 0.47 -8.06
N ASP B 158 6.81 1.30 -7.09
CA ASP B 158 6.16 1.49 -5.79
C ASP B 158 4.72 2.02 -5.91
N LEU B 159 4.48 3.00 -6.81
CA LEU B 159 3.14 3.58 -7.05
C LEU B 159 2.20 2.53 -7.66
N PHE B 160 2.64 1.84 -8.75
CA PHE B 160 1.87 0.80 -9.44
C PHE B 160 1.46 -0.28 -8.44
N GLN B 161 2.43 -0.78 -7.65
CA GLN B 161 2.20 -1.82 -6.64
C GLN B 161 1.11 -1.39 -5.65
N MET B 162 1.24 -0.22 -5.05
CA MET B 162 0.28 0.36 -4.09
C MET B 162 -1.14 0.42 -4.67
N ILE B 163 -1.28 0.89 -5.93
CA ILE B 163 -2.56 1.04 -6.62
C ILE B 163 -3.13 -0.30 -7.07
N ILE B 164 -2.34 -1.14 -7.80
CA ILE B 164 -2.82 -2.43 -8.32
C ILE B 164 -3.14 -3.43 -7.19
N LEU B 165 -2.30 -3.53 -6.12
CA LEU B 165 -2.57 -4.46 -5.03
C LEU B 165 -3.82 -4.10 -4.26
N LYS B 166 -4.08 -2.79 -4.05
CA LYS B 166 -5.27 -2.27 -3.35
C LYS B 166 -6.55 -2.60 -4.12
N ILE B 167 -6.52 -2.46 -5.46
CA ILE B 167 -7.64 -2.74 -6.36
C ILE B 167 -7.98 -4.25 -6.35
N ILE B 168 -6.97 -5.10 -6.55
CA ILE B 168 -7.15 -6.55 -6.62
C ILE B 168 -7.55 -7.13 -5.24
N VAL B 169 -6.90 -6.69 -4.13
CA VAL B 169 -7.25 -7.15 -2.77
C VAL B 169 -8.71 -6.85 -2.45
N SER B 170 -9.17 -5.62 -2.76
CA SER B 170 -10.56 -5.18 -2.56
C SER B 170 -11.53 -6.03 -3.40
N PHE B 171 -11.16 -6.31 -4.68
CA PHE B 171 -11.97 -7.12 -5.60
C PHE B 171 -12.17 -8.56 -5.10
N LEU B 172 -11.13 -9.17 -4.50
CA LEU B 172 -11.14 -10.54 -3.99
C LEU B 172 -11.62 -10.64 -2.53
N SER B 173 -11.62 -9.52 -1.77
CA SER B 173 -11.98 -9.41 -0.36
C SER B 173 -13.33 -10.03 0.02
N ASN B 177 -15.98 -15.76 -4.86
CA ASN B 177 -16.23 -16.56 -6.06
C ASN B 177 -14.96 -17.30 -6.50
N PHE B 178 -14.88 -18.57 -6.08
CA PHE B 178 -13.80 -19.52 -6.32
C PHE B 178 -13.46 -19.75 -7.80
N ILE B 179 -14.50 -19.92 -8.66
CA ILE B 179 -14.34 -20.17 -10.11
C ILE B 179 -13.59 -19.00 -10.84
N GLU B 180 -13.98 -17.73 -10.55
CA GLU B 180 -13.33 -16.57 -11.17
C GLU B 180 -11.89 -16.44 -10.71
N ILE B 181 -11.62 -16.66 -9.38
CA ILE B 181 -10.28 -16.57 -8.79
C ILE B 181 -9.40 -17.63 -9.44
N MET B 182 -9.91 -18.88 -9.61
CA MET B 182 -9.24 -20.00 -10.29
C MET B 182 -8.90 -19.57 -11.70
N GLY B 183 -9.88 -18.99 -12.37
CA GLY B 183 -9.78 -18.47 -13.73
C GLY B 183 -8.65 -17.50 -13.92
N LEU B 184 -8.53 -16.52 -13.00
CA LEU B 184 -7.47 -15.51 -13.03
C LEU B 184 -6.09 -16.13 -12.86
N LEU B 185 -5.93 -17.08 -11.92
CA LEU B 185 -4.64 -17.73 -11.69
C LEU B 185 -4.24 -18.61 -12.86
N LEU B 186 -5.21 -19.32 -13.46
CA LEU B 186 -4.98 -20.17 -14.62
C LEU B 186 -4.62 -19.35 -15.88
N GLN B 187 -5.27 -18.19 -16.08
CA GLN B 187 -5.01 -17.27 -17.19
C GLN B 187 -3.57 -16.73 -17.10
N LEU B 188 -3.10 -16.48 -15.87
CA LEU B 188 -1.74 -16.03 -15.57
C LEU B 188 -0.69 -17.10 -15.95
N ILE B 189 -0.92 -18.37 -15.52
CA ILE B 189 -0.03 -19.52 -15.77
C ILE B 189 0.08 -19.87 -17.28
N ARG B 190 -1.07 -20.01 -17.96
CA ARG B 190 -1.13 -20.37 -19.38
C ARG B 190 -0.57 -19.33 -20.35
N ASN B 191 -0.52 -18.04 -19.95
CA ASN B 191 -0.09 -16.94 -20.82
C ASN B 191 1.25 -16.30 -20.48
N ASN B 192 1.95 -16.79 -19.44
CA ASN B 192 3.22 -16.19 -19.03
C ASN B 192 4.25 -17.21 -18.60
N ASN B 193 5.54 -16.80 -18.65
CA ASN B 193 6.65 -17.56 -18.10
C ASN B 193 6.54 -17.23 -16.62
N VAL B 194 6.07 -18.20 -15.81
CA VAL B 194 5.81 -18.03 -14.39
C VAL B 194 7.07 -17.65 -13.61
N SER B 195 8.20 -18.34 -13.90
CA SER B 195 9.49 -18.05 -13.28
C SER B 195 9.94 -16.62 -13.57
N PHE B 196 9.69 -16.09 -14.78
CA PHE B 196 10.03 -14.71 -15.09
C PHE B 196 9.25 -13.78 -14.17
N LEU B 197 7.93 -14.02 -14.02
CA LEU B 197 7.04 -13.25 -13.15
C LEU B 197 7.54 -13.21 -11.69
N THR B 198 8.12 -14.32 -11.20
CA THR B 198 8.65 -14.41 -9.84
C THR B 198 9.92 -13.58 -9.63
N THR B 199 10.60 -13.11 -10.71
CA THR B 199 11.80 -12.25 -10.61
C THR B 199 11.39 -10.77 -10.36
N SER B 200 10.07 -10.47 -10.47
CA SER B 200 9.45 -9.17 -10.27
C SER B 200 8.75 -9.11 -8.92
N LYS B 201 8.92 -8.00 -8.19
CA LYS B 201 8.28 -7.72 -6.91
C LYS B 201 6.76 -7.69 -7.08
N ILE B 202 6.28 -7.04 -8.17
CA ILE B 202 4.86 -6.95 -8.48
C ILE B 202 4.29 -8.33 -8.90
N GLY B 203 4.99 -9.03 -9.78
CA GLY B 203 4.63 -10.38 -10.22
C GLY B 203 4.47 -11.34 -9.07
N LEU B 204 5.47 -11.36 -8.15
CA LEU B 204 5.50 -12.20 -6.95
C LEU B 204 4.34 -11.84 -6.03
N ASN B 205 4.10 -10.53 -5.78
CA ASN B 205 3.00 -10.06 -4.95
C ASN B 205 1.64 -10.43 -5.54
N LEU B 206 1.49 -10.39 -6.87
CA LEU B 206 0.25 -10.76 -7.55
C LEU B 206 -0.07 -12.25 -7.38
N ILE B 207 0.95 -13.12 -7.57
CA ILE B 207 0.83 -14.57 -7.39
C ILE B 207 0.44 -14.89 -5.95
N THR B 208 1.09 -14.26 -4.94
CA THR B 208 0.81 -14.43 -3.51
C THR B 208 -0.65 -14.11 -3.19
N ILE B 209 -1.19 -12.99 -3.71
CA ILE B 209 -2.59 -12.57 -3.48
C ILE B 209 -3.57 -13.58 -4.07
N LEU B 210 -3.29 -14.04 -5.31
CA LEU B 210 -4.15 -15.01 -6.00
C LEU B 210 -4.15 -16.35 -5.28
N ILE B 211 -2.96 -16.90 -4.92
CA ILE B 211 -2.82 -18.17 -4.18
C ILE B 211 -3.54 -18.07 -2.83
N SER B 212 -3.20 -17.06 -2.00
CA SER B 212 -3.76 -16.84 -0.67
C SER B 212 -5.27 -16.80 -0.65
N ARG B 213 -5.89 -16.06 -1.60
CA ARG B 213 -7.34 -15.93 -1.65
C ARG B 213 -8.03 -17.21 -2.08
N ALA B 214 -7.54 -17.88 -3.14
CA ALA B 214 -8.09 -19.14 -3.64
C ALA B 214 -7.97 -20.25 -2.59
N ALA B 215 -6.84 -20.27 -1.84
CA ALA B 215 -6.56 -21.24 -0.78
C ALA B 215 -7.55 -21.12 0.35
N LEU B 216 -7.80 -19.88 0.80
CA LEU B 216 -8.73 -19.57 1.87
C LEU B 216 -10.13 -20.08 1.54
N ILE B 217 -10.56 -19.90 0.27
CA ILE B 217 -11.89 -20.32 -0.18
C ILE B 217 -11.93 -21.85 -0.37
N LYS B 218 -10.87 -22.49 -0.93
CA LYS B 218 -10.78 -23.96 -1.05
C LYS B 218 -10.93 -24.60 0.34
N GLN B 219 -10.19 -24.07 1.32
CA GLN B 219 -10.16 -24.57 2.69
C GLN B 219 -11.49 -24.32 3.42
N ASP B 220 -12.14 -23.19 3.14
CA ASP B 220 -13.44 -22.86 3.74
C ASP B 220 -14.50 -23.83 3.20
N ILE B 232 -11.97 -27.35 -5.46
CA ILE B 232 -11.13 -28.27 -4.69
C ILE B 232 -10.22 -29.11 -5.62
N SER B 233 -10.79 -30.04 -6.42
CA SER B 233 -10.03 -30.87 -7.35
C SER B 233 -9.38 -30.01 -8.45
N THR B 234 -10.11 -29.01 -8.96
CA THR B 234 -9.63 -28.06 -9.98
C THR B 234 -8.48 -27.20 -9.40
N TRP B 235 -8.64 -26.73 -8.15
CA TRP B 235 -7.61 -25.95 -7.47
C TRP B 235 -6.31 -26.74 -7.30
N ASN B 236 -6.41 -28.04 -6.94
CA ASN B 236 -5.25 -28.92 -6.76
C ASN B 236 -4.50 -29.10 -8.09
N GLU B 237 -5.22 -29.06 -9.23
CA GLU B 237 -4.58 -29.17 -10.53
C GLU B 237 -3.93 -27.84 -10.97
N ILE B 238 -4.54 -26.68 -10.60
CA ILE B 238 -3.99 -25.34 -10.87
C ILE B 238 -2.72 -25.14 -10.01
N TYR B 239 -2.76 -25.59 -8.72
CA TYR B 239 -1.58 -25.55 -7.85
C TYR B 239 -0.48 -26.45 -8.42
N ASP B 240 -0.83 -27.62 -8.99
CA ASP B 240 0.13 -28.54 -9.62
C ASP B 240 0.80 -27.87 -10.80
N LYS B 241 0.03 -27.26 -11.72
CA LYS B 241 0.53 -26.52 -12.90
C LYS B 241 1.51 -25.41 -12.49
N LEU B 242 1.16 -24.66 -11.41
CA LEU B 242 1.98 -23.57 -10.86
C LEU B 242 3.28 -24.10 -10.26
N PHE B 243 3.18 -25.14 -9.39
CA PHE B 243 4.34 -25.76 -8.75
C PHE B 243 5.31 -26.32 -9.80
N THR B 244 4.78 -27.01 -10.84
CA THR B 244 5.54 -27.59 -11.95
C THR B 244 6.30 -26.50 -12.73
N SER B 245 5.65 -25.34 -12.96
CA SER B 245 6.26 -24.22 -13.66
C SER B 245 7.42 -23.55 -12.86
N LEU B 246 7.48 -23.79 -11.53
CA LEU B 246 8.50 -23.22 -10.64
C LEU B 246 9.53 -24.21 -10.09
N GLU B 247 9.26 -25.53 -10.17
CA GLU B 247 10.16 -26.58 -9.68
C GLU B 247 11.55 -26.41 -10.29
N SER B 248 12.58 -26.40 -9.41
CA SER B 248 14.03 -26.20 -9.67
C SER B 248 14.39 -24.72 -9.96
N LYS B 249 13.41 -23.81 -9.88
CA LYS B 249 13.57 -22.38 -10.13
C LYS B 249 13.04 -21.52 -8.95
N ILE B 250 12.68 -22.18 -7.82
CA ILE B 250 12.11 -21.49 -6.65
C ILE B 250 13.09 -20.47 -6.05
N GLN B 251 14.42 -20.76 -6.05
CA GLN B 251 15.49 -19.89 -5.54
C GLN B 251 15.54 -18.56 -6.28
N LEU B 252 15.13 -18.56 -7.57
CA LEU B 252 15.14 -17.38 -8.43
C LEU B 252 14.25 -16.24 -7.95
N ILE B 253 13.34 -16.50 -6.98
CA ILE B 253 12.49 -15.47 -6.37
C ILE B 253 13.32 -14.50 -5.52
N PHE B 254 14.53 -14.93 -5.11
CA PHE B 254 15.47 -14.12 -4.32
C PHE B 254 16.43 -13.38 -5.25
N PRO B 255 16.33 -12.03 -5.28
CA PRO B 255 17.22 -11.25 -6.13
C PRO B 255 18.70 -11.38 -5.72
N PRO B 256 19.67 -11.28 -6.66
CA PRO B 256 21.09 -11.39 -6.28
C PRO B 256 21.55 -10.27 -5.34
N ARG B 257 22.64 -10.53 -4.57
CA ARG B 257 23.21 -9.60 -3.59
C ARG B 257 23.45 -8.19 -4.18
N GLU B 258 23.98 -8.11 -5.42
CA GLU B 258 24.31 -6.87 -6.13
C GLU B 258 23.09 -5.99 -6.41
N TYR B 259 21.94 -6.59 -6.77
CA TYR B 259 20.66 -5.88 -7.00
C TYR B 259 20.19 -5.30 -5.64
N ASN B 260 20.32 -6.09 -4.55
CA ASN B 260 20.00 -5.68 -3.18
C ASN B 260 20.83 -4.51 -2.71
N ASP B 261 22.16 -4.54 -2.95
CA ASP B 261 23.11 -3.48 -2.62
C ASP B 261 22.73 -2.20 -3.33
N HIS B 262 22.28 -2.31 -4.61
CA HIS B 262 21.86 -1.20 -5.47
C HIS B 262 20.63 -0.47 -4.91
N ILE B 263 19.55 -1.22 -4.57
CA ILE B 263 18.30 -0.70 -4.01
C ILE B 263 18.58 -0.07 -2.65
N MET B 264 19.35 -0.79 -1.80
CA MET B 264 19.76 -0.30 -0.48
C MET B 264 20.46 1.06 -0.59
N ARG B 265 21.34 1.21 -1.59
CA ARG B 265 22.06 2.46 -1.83
C ARG B 265 21.12 3.57 -2.27
N LEU B 266 20.23 3.32 -3.24
CA LEU B 266 19.29 4.31 -3.73
C LEU B 266 18.24 4.73 -2.69
N GLN B 267 17.81 3.79 -1.82
CA GLN B 267 16.79 4.06 -0.80
C GLN B 267 17.39 4.38 0.58
N ASN B 268 18.73 4.42 0.68
CA ASN B 268 19.46 4.66 1.94
C ASN B 268 18.96 3.72 3.06
N ASP B 269 18.80 2.43 2.72
CA ASP B 269 18.34 1.37 3.61
C ASP B 269 19.53 0.62 4.17
N LYS B 270 19.41 0.18 5.42
CA LYS B 270 20.47 -0.61 6.05
C LYS B 270 20.26 -2.05 5.69
N PHE B 271 18.98 -2.43 5.41
CA PHE B 271 18.55 -3.76 5.01
C PHE B 271 17.49 -3.76 3.93
N MET B 272 17.46 -4.84 3.16
CA MET B 272 16.50 -5.07 2.10
C MET B 272 15.26 -5.69 2.71
N ASP B 273 14.08 -5.10 2.39
CA ASP B 273 12.79 -5.63 2.82
C ASP B 273 12.44 -6.82 1.92
N GLU B 274 12.57 -8.03 2.47
CA GLU B 274 12.23 -9.24 1.72
C GLU B 274 11.02 -9.98 2.30
N ALA B 275 10.17 -9.28 3.07
CA ALA B 275 8.96 -9.82 3.69
C ALA B 275 8.07 -10.48 2.63
N TYR B 276 7.91 -9.81 1.45
CA TYR B 276 7.11 -10.25 0.32
C TYR B 276 7.59 -11.58 -0.28
N ILE B 277 8.91 -11.86 -0.21
CA ILE B 277 9.48 -13.12 -0.70
C ILE B 277 9.06 -14.26 0.22
N TRP B 278 9.26 -14.07 1.55
CA TRP B 278 8.87 -15.05 2.56
C TRP B 278 7.36 -15.22 2.62
N ALA B 279 6.59 -14.15 2.29
CA ALA B 279 5.12 -14.19 2.24
C ALA B 279 4.68 -15.07 1.08
N PHE B 280 5.38 -14.99 -0.08
CA PHE B 280 5.11 -15.83 -1.24
C PHE B 280 5.35 -17.30 -0.90
N LEU B 281 6.49 -17.58 -0.26
CA LEU B 281 6.91 -18.92 0.15
C LEU B 281 5.92 -19.50 1.15
N ALA B 282 5.43 -18.67 2.09
CA ALA B 282 4.42 -19.03 3.09
C ALA B 282 3.12 -19.45 2.39
N SER B 283 2.62 -18.66 1.42
CA SER B 283 1.40 -18.96 0.65
C SER B 283 1.55 -20.21 -0.23
N LEU B 284 2.72 -20.37 -0.86
CA LEU B 284 3.01 -21.53 -1.71
C LEU B 284 3.06 -22.79 -0.84
N ALA B 285 3.74 -22.72 0.33
CA ALA B 285 3.89 -23.85 1.24
C ALA B 285 2.59 -24.26 1.93
N ALA B 286 1.74 -23.27 2.30
CA ALA B 286 0.46 -23.48 2.97
C ALA B 286 -0.57 -24.23 2.09
N SER B 287 -0.51 -24.01 0.77
CA SER B 287 -1.39 -24.64 -0.22
C SER B 287 -0.87 -25.99 -0.72
N GLY B 288 0.40 -26.29 -0.44
CA GLY B 288 1.04 -27.54 -0.84
C GLY B 288 0.91 -28.63 0.20
N LYS B 289 1.25 -29.85 -0.21
CA LYS B 289 1.22 -31.02 0.64
C LYS B 289 2.67 -31.27 1.07
N LEU B 290 2.94 -32.29 1.91
CA LEU B 290 4.31 -32.59 2.37
C LEU B 290 5.32 -32.67 1.23
N ASN B 291 4.96 -33.34 0.11
CA ASN B 291 5.83 -33.49 -1.07
C ASN B 291 6.25 -32.14 -1.65
N HIS B 292 5.33 -31.14 -1.68
CA HIS B 292 5.64 -29.79 -2.16
C HIS B 292 6.54 -29.09 -1.17
N GLN B 293 6.21 -29.20 0.12
CA GLN B 293 6.94 -28.60 1.25
C GLN B 293 8.41 -29.05 1.33
N ARG B 294 8.66 -30.36 1.15
CA ARG B 294 10.02 -30.95 1.15
C ARG B 294 10.88 -30.28 0.06
N ILE B 295 10.33 -30.12 -1.17
CA ILE B 295 10.99 -29.50 -2.32
C ILE B 295 11.29 -28.02 -2.07
N ILE B 296 10.30 -27.24 -1.57
CA ILE B 296 10.42 -25.80 -1.30
C ILE B 296 11.54 -25.54 -0.31
N ILE B 297 11.48 -26.18 0.86
CA ILE B 297 12.45 -26.02 1.96
C ILE B 297 13.89 -26.40 1.52
N ASP B 298 14.01 -27.42 0.66
CA ASP B 298 15.30 -27.85 0.12
C ASP B 298 15.86 -26.75 -0.77
N GLU B 299 15.02 -26.21 -1.67
CA GLU B 299 15.38 -25.19 -2.64
C GLU B 299 15.77 -23.84 -2.04
N VAL B 300 15.17 -23.45 -0.89
CA VAL B 300 15.46 -22.15 -0.25
C VAL B 300 16.35 -22.28 0.99
N ARG B 301 16.90 -23.51 1.25
CA ARG B 301 17.73 -23.82 2.40
C ARG B 301 18.85 -22.78 2.67
N ASP B 302 19.64 -22.42 1.62
CA ASP B 302 20.76 -21.48 1.70
C ASP B 302 20.28 -20.10 2.12
N GLU B 303 19.10 -19.71 1.60
CA GLU B 303 18.45 -18.44 1.92
C GLU B 303 17.94 -18.39 3.35
N ILE B 304 17.46 -19.53 3.89
CA ILE B 304 17.02 -19.65 5.28
C ILE B 304 18.24 -19.37 6.20
N PHE B 305 19.38 -20.02 5.89
CA PHE B 305 20.60 -19.88 6.66
C PHE B 305 21.23 -18.49 6.53
N ALA B 306 21.17 -17.86 5.33
CA ALA B 306 21.68 -16.51 5.10
C ALA B 306 20.95 -15.49 5.98
N THR B 307 19.60 -15.61 6.12
CA THR B 307 18.76 -14.73 6.94
C THR B 307 19.10 -14.85 8.44
N ILE B 308 19.24 -16.10 8.93
CA ILE B 308 19.61 -16.42 10.31
C ILE B 308 20.99 -15.85 10.67
N ASN B 309 21.96 -15.96 9.73
CA ASN B 309 23.32 -15.43 9.87
C ASN B 309 23.32 -13.92 10.03
N GLU B 310 22.46 -13.21 9.27
CA GLU B 310 22.31 -11.75 9.34
C GLU B 310 21.69 -11.31 10.68
N ALA B 311 20.65 -12.04 11.14
CA ALA B 311 19.94 -11.78 12.40
C ALA B 311 20.86 -12.03 13.61
N GLU B 312 21.73 -13.05 13.52
CA GLU B 312 22.70 -13.39 14.57
C GLU B 312 23.81 -12.33 14.66
N THR B 313 24.20 -11.75 13.51
CA THR B 313 25.20 -10.68 13.43
C THR B 313 24.62 -9.38 14.03
N LEU B 314 23.32 -9.10 13.78
CA LEU B 314 22.60 -7.96 14.34
C LEU B 314 22.45 -8.09 15.85
N GLN B 315 22.20 -9.33 16.34
CA GLN B 315 22.08 -9.67 17.76
C GLN B 315 23.39 -9.34 18.52
N LYS B 316 24.55 -9.66 17.90
CA LYS B 316 25.87 -9.39 18.44
C LYS B 316 26.14 -7.87 18.45
N LYS B 317 25.74 -7.16 17.37
CA LYS B 317 25.89 -5.70 17.22
C LYS B 317 25.08 -4.97 18.30
N GLU B 318 23.86 -5.48 18.60
CA GLU B 318 22.93 -4.95 19.62
C GLU B 318 23.57 -5.03 21.01
N LYS B 319 24.16 -6.20 21.32
CA LYS B 319 24.87 -6.53 22.57
C LYS B 319 26.02 -5.53 22.80
N GLU B 320 26.83 -5.25 21.75
CA GLU B 320 27.96 -4.31 21.77
C GLU B 320 27.51 -2.87 22.07
N LEU B 321 26.37 -2.45 21.49
CA LEU B 321 25.81 -1.12 21.68
C LEU B 321 25.09 -0.93 23.01
N SER B 322 24.36 -1.97 23.47
CA SER B 322 23.57 -1.94 24.72
C SER B 322 24.41 -1.74 25.99
N VAL B 323 25.63 -2.30 26.01
CA VAL B 323 26.55 -2.24 27.16
C VAL B 323 27.23 -0.87 27.35
N LEU B 324 27.17 0.01 26.32
CA LEU B 324 27.79 1.33 26.35
C LEU B 324 27.14 2.26 27.38
N PRO B 325 27.95 2.92 28.24
CA PRO B 325 27.38 3.81 29.27
C PRO B 325 26.74 5.11 28.77
N GLN B 326 27.44 5.85 27.88
CA GLN B 326 27.04 7.14 27.32
C GLN B 326 26.64 7.10 25.84
N ARG B 327 25.41 6.64 25.55
CA ARG B 327 24.97 6.63 24.16
C ARG B 327 24.43 7.99 23.76
N SER B 328 24.93 8.51 22.63
CA SER B 328 24.50 9.77 22.03
C SER B 328 23.15 9.50 21.38
N GLN B 329 22.43 10.55 20.94
CA GLN B 329 21.14 10.45 20.25
C GLN B 329 21.28 9.60 18.98
N GLU B 330 22.41 9.76 18.25
CA GLU B 330 22.76 9.04 17.03
C GLU B 330 22.93 7.55 17.29
N LEU B 331 23.69 7.20 18.36
CA LEU B 331 23.97 5.82 18.76
C LEU B 331 22.73 5.08 19.25
N ASP B 332 21.84 5.79 19.97
CA ASP B 332 20.57 5.28 20.49
C ASP B 332 19.62 4.97 19.31
N THR B 333 19.68 5.80 18.25
CA THR B 333 18.91 5.65 17.01
C THR B 333 19.43 4.41 16.26
N GLU B 334 20.77 4.21 16.23
CA GLU B 334 21.43 3.07 15.58
C GLU B 334 21.05 1.77 16.29
N LEU B 335 21.06 1.76 17.65
CA LEU B 335 20.69 0.59 18.45
C LEU B 335 19.22 0.19 18.20
N LYS B 336 18.31 1.19 18.14
CA LYS B 336 16.89 0.99 17.86
C LYS B 336 16.68 0.42 16.44
N SER B 337 17.52 0.86 15.49
CA SER B 337 17.55 0.42 14.10
C SER B 337 18.02 -1.04 14.01
N ILE B 338 19.07 -1.39 14.77
CA ILE B 338 19.63 -2.75 14.82
C ILE B 338 18.61 -3.72 15.40
N ILE B 339 17.91 -3.34 16.49
CA ILE B 339 16.86 -4.15 17.11
C ILE B 339 15.70 -4.36 16.11
N TYR B 340 15.24 -3.27 15.44
CA TYR B 340 14.16 -3.31 14.44
C TYR B 340 14.47 -4.29 13.33
N ASN B 341 15.66 -4.15 12.70
CA ASN B 341 16.10 -4.99 11.59
C ASN B 341 16.27 -6.44 12.00
N LYS B 342 16.70 -6.70 13.27
CA LYS B 342 16.86 -8.05 13.81
C LYS B 342 15.49 -8.72 13.97
N GLU B 343 14.55 -8.04 14.65
CA GLU B 343 13.18 -8.50 14.90
C GLU B 343 12.42 -8.71 13.58
N LYS B 344 12.66 -7.84 12.57
CA LYS B 344 12.04 -7.95 11.25
C LYS B 344 12.45 -9.26 10.53
N LEU B 345 13.75 -9.63 10.55
CA LEU B 345 14.26 -10.85 9.92
C LEU B 345 13.62 -12.08 10.55
N TYR B 346 13.52 -12.09 11.89
CA TYR B 346 12.90 -13.14 12.69
C TYR B 346 11.42 -13.30 12.32
N GLN B 347 10.68 -12.16 12.23
CA GLN B 347 9.24 -12.15 11.92
C GLN B 347 8.91 -12.62 10.51
N ASP B 348 9.66 -12.11 9.50
CA ASP B 348 9.44 -12.43 8.09
C ASP B 348 9.75 -13.88 7.78
N LEU B 349 10.82 -14.43 8.37
CA LEU B 349 11.17 -15.83 8.19
C LEU B 349 10.11 -16.74 8.84
N ASN B 350 9.65 -16.38 10.05
CA ASN B 350 8.66 -17.16 10.79
C ASN B 350 7.29 -17.22 10.08
N LEU B 351 6.91 -16.20 9.27
CA LEU B 351 5.68 -16.29 8.48
C LEU B 351 5.71 -17.59 7.60
N PHE B 352 6.84 -17.85 6.95
CA PHE B 352 7.06 -19.03 6.13
C PHE B 352 7.24 -20.30 6.97
N LEU B 353 8.18 -20.30 7.92
CA LEU B 353 8.46 -21.46 8.77
C LEU B 353 7.24 -21.99 9.50
N ASN B 354 6.44 -21.11 10.16
CA ASN B 354 5.23 -21.49 10.94
C ASN B 354 4.23 -22.32 10.17
N VAL B 355 4.07 -22.04 8.86
CA VAL B 355 3.18 -22.74 7.95
C VAL B 355 3.52 -24.25 7.86
N MET B 356 4.79 -24.59 8.04
CA MET B 356 5.30 -25.96 8.00
C MET B 356 5.52 -26.54 9.42
N GLY B 357 4.99 -25.87 10.44
CA GLY B 357 5.10 -26.29 11.83
C GLY B 357 6.50 -26.12 12.40
N LEU B 358 7.26 -25.15 11.88
CA LEU B 358 8.62 -24.82 12.34
C LEU B 358 8.69 -23.38 12.88
N VAL B 359 9.73 -23.07 13.68
CA VAL B 359 9.92 -21.74 14.28
C VAL B 359 11.39 -21.39 14.49
N TYR B 360 11.74 -20.13 14.25
CA TYR B 360 13.08 -19.59 14.50
C TYR B 360 12.99 -18.71 15.75
N ARG B 361 13.58 -19.18 16.86
CA ARG B 361 13.65 -18.48 18.15
C ARG B 361 14.85 -18.96 18.95
N ASP B 362 15.44 -18.06 19.77
CA ASP B 362 16.62 -18.29 20.62
C ASP B 362 17.83 -18.84 19.80
N GLY B 363 18.01 -18.28 18.61
CA GLY B 363 19.08 -18.60 17.67
C GLY B 363 19.04 -20.00 17.10
N GLU B 364 17.84 -20.61 16.97
CA GLU B 364 17.68 -21.97 16.45
C GLU B 364 16.33 -22.25 15.80
N ILE B 365 16.32 -23.14 14.78
CA ILE B 365 15.10 -23.60 14.13
C ILE B 365 14.66 -24.86 14.87
N SER B 366 13.42 -24.85 15.35
CA SER B 366 12.82 -25.97 16.07
C SER B 366 11.38 -26.18 15.61
N GLU B 367 10.77 -27.30 16.02
CA GLU B 367 9.38 -27.60 15.68
C GLU B 367 8.45 -26.80 16.59
N LEU B 368 7.32 -26.34 16.05
CA LEU B 368 6.27 -25.59 16.77
C LEU B 368 5.52 -26.56 17.70
N LYS B 369 4.83 -26.01 18.74
CA LYS B 369 4.01 -26.74 19.72
C LYS B 369 4.81 -27.77 20.57
N SER C 1 -23.92 25.12 -9.52
CA SER C 1 -22.88 24.30 -10.16
C SER C 1 -21.66 25.11 -10.62
N SER C 2 -21.84 26.40 -11.02
CA SER C 2 -20.76 27.28 -11.49
C SER C 2 -19.80 27.71 -10.36
N SER C 3 -18.92 26.77 -9.99
CA SER C 3 -17.89 26.92 -8.98
C SER C 3 -16.59 27.58 -9.53
N PRO C 4 -16.08 27.24 -10.76
CA PRO C 4 -14.81 27.86 -11.23
C PRO C 4 -14.76 29.38 -11.30
N GLY C 5 -15.91 30.02 -11.55
CA GLY C 5 -16.02 31.47 -11.66
C GLY C 5 -15.46 32.19 -10.45
N GLN C 6 -16.15 32.05 -9.31
CA GLN C 6 -15.80 32.68 -8.03
C GLN C 6 -14.48 32.14 -7.43
N LEU C 7 -14.27 30.80 -7.45
CA LEU C 7 -13.10 30.09 -6.88
C LEU C 7 -11.72 30.54 -7.43
N LEU C 8 -11.64 30.82 -8.75
CA LEU C 8 -10.46 31.31 -9.46
C LEU C 8 -10.12 32.72 -8.96
N ASP C 9 -11.16 33.52 -8.67
CA ASP C 9 -11.02 34.87 -8.16
C ASP C 9 -10.58 34.90 -6.72
N ILE C 10 -11.11 34.00 -5.85
CA ILE C 10 -10.73 33.96 -4.43
C ILE C 10 -9.25 33.52 -4.29
N LEU C 11 -8.76 32.66 -5.22
CA LEU C 11 -7.37 32.18 -5.29
C LEU C 11 -6.33 33.31 -5.59
N ASN C 12 -6.79 34.44 -6.14
CA ASN C 12 -5.96 35.61 -6.46
C ASN C 12 -6.26 36.77 -5.49
N SER C 13 -7.54 37.18 -5.39
CA SER C 13 -8.09 38.28 -4.57
C SER C 13 -7.39 38.50 -3.20
N LYS C 14 -7.40 37.49 -2.31
CA LYS C 14 -6.76 37.60 -0.99
C LYS C 14 -5.41 36.91 -0.94
N SER D 2 4.63 -37.30 11.06
CA SER D 2 5.03 -35.94 11.40
C SER D 2 5.72 -35.29 10.20
N SER D 3 5.19 -34.12 9.80
CA SER D 3 5.69 -33.32 8.68
C SER D 3 6.85 -32.36 9.08
N PRO D 4 6.78 -31.55 10.18
CA PRO D 4 7.89 -30.61 10.49
C PRO D 4 9.27 -31.21 10.76
N GLY D 5 9.31 -32.30 11.53
CA GLY D 5 10.55 -33.01 11.90
C GLY D 5 11.33 -33.51 10.71
N GLN D 6 10.59 -34.02 9.71
CA GLN D 6 11.09 -34.52 8.43
C GLN D 6 11.66 -33.34 7.65
N LEU D 7 10.88 -32.23 7.55
CA LEU D 7 11.24 -30.98 6.87
C LEU D 7 12.49 -30.35 7.46
N LEU D 8 12.63 -30.38 8.81
CA LEU D 8 13.78 -29.86 9.57
C LEU D 8 15.04 -30.63 9.21
N ASP D 9 14.92 -31.95 9.01
CA ASP D 9 16.04 -32.80 8.64
C ASP D 9 16.44 -32.59 7.18
N ILE D 10 15.47 -32.19 6.31
CA ILE D 10 15.72 -31.86 4.89
C ILE D 10 16.53 -30.56 4.90
N LEU D 11 16.15 -29.66 5.82
CA LEU D 11 16.76 -28.36 6.09
C LEU D 11 18.16 -28.49 6.73
N ASN D 12 18.47 -29.65 7.35
CA ASN D 12 19.77 -29.86 8.00
C ASN D 12 20.63 -30.95 7.29
N SER D 13 21.13 -30.64 6.07
CA SER D 13 21.95 -31.54 5.27
C SER D 13 22.92 -30.78 4.35
#